data_5MPV
# 
_entry.id   5MPV 
# 
_audit_conform.dict_name       mmcif_pdbx.dic 
_audit_conform.dict_version    5.385 
_audit_conform.dict_location   http://mmcif.pdb.org/dictionaries/ascii/mmcif_pdbx.dic 
# 
loop_
_database_2.database_id 
_database_2.database_code 
_database_2.pdbx_database_accession 
_database_2.pdbx_DOI 
PDB   5MPV         pdb_00005mpv 10.2210/pdb5mpv/pdb 
WWPDB D_1200002816 ?            ?                   
# 
loop_
_pdbx_audit_revision_history.ordinal 
_pdbx_audit_revision_history.data_content_type 
_pdbx_audit_revision_history.major_revision 
_pdbx_audit_revision_history.minor_revision 
_pdbx_audit_revision_history.revision_date 
1 'Structure model' 1 0 2018-08-01 
2 'Structure model' 1 1 2023-02-01 
3 'Structure model' 1 2 2024-02-07 
# 
_pdbx_audit_revision_details.ordinal             1 
_pdbx_audit_revision_details.revision_ordinal    1 
_pdbx_audit_revision_details.data_content_type   'Structure model' 
_pdbx_audit_revision_details.provider            repository 
_pdbx_audit_revision_details.type                'Initial release' 
_pdbx_audit_revision_details.description         ? 
_pdbx_audit_revision_details.details             ? 
# 
loop_
_pdbx_audit_revision_group.ordinal 
_pdbx_audit_revision_group.revision_ordinal 
_pdbx_audit_revision_group.data_content_type 
_pdbx_audit_revision_group.group 
1 2 'Structure model' 'Database references'    
2 3 'Structure model' 'Data collection'        
3 3 'Structure model' 'Refinement description' 
# 
loop_
_pdbx_audit_revision_category.ordinal 
_pdbx_audit_revision_category.revision_ordinal 
_pdbx_audit_revision_category.data_content_type 
_pdbx_audit_revision_category.category 
1 2 'Structure model' citation                      
2 2 'Structure model' citation_author               
3 2 'Structure model' database_2                    
4 3 'Structure model' chem_comp_atom                
5 3 'Structure model' chem_comp_bond                
6 3 'Structure model' pdbx_initial_refinement_model 
# 
loop_
_pdbx_audit_revision_item.ordinal 
_pdbx_audit_revision_item.revision_ordinal 
_pdbx_audit_revision_item.data_content_type 
_pdbx_audit_revision_item.item 
1  2 'Structure model' '_citation.country'                   
2  2 'Structure model' '_citation.journal_abbrev'            
3  2 'Structure model' '_citation.journal_id_ASTM'           
4  2 'Structure model' '_citation.journal_id_CSD'            
5  2 'Structure model' '_citation.journal_id_ISSN'           
6  2 'Structure model' '_citation.journal_volume'            
7  2 'Structure model' '_citation.page_first'                
8  2 'Structure model' '_citation.page_last'                 
9  2 'Structure model' '_citation.pdbx_database_id_DOI'      
10 2 'Structure model' '_citation.pdbx_database_id_PubMed'   
11 2 'Structure model' '_citation.title'                     
12 2 'Structure model' '_citation.year'                      
13 2 'Structure model' '_database_2.pdbx_DOI'                
14 2 'Structure model' '_database_2.pdbx_database_accession' 
# 
_pdbx_database_status.status_code                     REL 
_pdbx_database_status.status_code_sf                  REL 
_pdbx_database_status.status_code_mr                  ? 
_pdbx_database_status.entry_id                        5MPV 
_pdbx_database_status.recvd_initial_deposition_date   2016-12-19 
_pdbx_database_status.SG_entry                        N 
_pdbx_database_status.deposit_site                    PDBE 
_pdbx_database_status.process_site                    PDBE 
_pdbx_database_status.status_code_cs                  ? 
_pdbx_database_status.methods_development_category    ? 
_pdbx_database_status.pdb_format_compatible           Y 
_pdbx_database_status.status_code_nmr_data            ? 
# 
loop_
_audit_author.name 
_audit_author.pdbx_ordinal 
_audit_author.identifier_ORCID 
'Thorbjornsrud, H.V.' 1 ? 
'Kamarauskaite, J.'   2 ? 
'Kast, P.'            3 ? 
'Krengel, U.'         4 ? 
# 
_citation.abstract                  ? 
_citation.abstract_id_CAS           ? 
_citation.book_id_ISBN              ? 
_citation.book_publisher            ? 
_citation.book_publisher_city       ? 
_citation.book_title                ? 
_citation.coordinate_linkage        ? 
_citation.country                   US 
_citation.database_id_Medline       ? 
_citation.details                   ? 
_citation.id                        primary 
_citation.journal_abbrev            J.Biol.Chem. 
_citation.journal_id_ASTM           JBCHA3 
_citation.journal_id_CSD            0071 
_citation.journal_id_ISSN           1083-351X 
_citation.journal_full              ? 
_citation.journal_issue             ? 
_citation.journal_volume            295 
_citation.language                  ? 
_citation.page_first                17514 
_citation.page_last                 17534 
_citation.title                     
'Evolving the naturally compromised chorismate mutase from Mycobacterium tuberculosis to top performance.' 
_citation.year                      2020 
_citation.database_id_CSD           ? 
_citation.pdbx_database_id_DOI      10.1074/jbc.RA120.014924 
_citation.pdbx_database_id_PubMed   33453995 
_citation.unpublished_flag          ? 
# 
loop_
_citation_author.citation_id 
_citation_author.name 
_citation_author.ordinal 
_citation_author.identifier_ORCID 
primary 'Fahrig-Kamarauskait, J.' 1 ? 
primary 'Wurth-Roderer, K.'       2 ? 
primary 'Thorbjornsrud, H.V.'     3 ? 
primary 'Mailand, S.'             4 ? 
primary 'Krengel, U.'             5 ? 
primary 'Kast, P.'                6 ? 
# 
loop_
_entity.id 
_entity.type 
_entity.src_method 
_entity.pdbx_description 
_entity.formula_weight 
_entity.pdbx_number_of_molecules 
_entity.pdbx_ec 
_entity.pdbx_mutation 
_entity.pdbx_fragment 
_entity.details 
1 polymer man 'Intracellular chorismate mutase' 10063.795 1  5.4.99.5 ? ? ? 
2 water   nat water                             18.015    71 ?        ? ? ? 
# 
_entity_name_com.entity_id   1 
_entity_name_com.name        CM 
# 
_entity_poly.entity_id                      1 
_entity_poly.type                           'polypeptide(L)' 
_entity_poly.nstd_linkage                   no 
_entity_poly.nstd_monomer                   no 
_entity_poly.pdbx_seq_one_letter_code       
;MNLEMLESQPLPEIVTLREEIDRLDAEILALVKRRAEVSQAIGKARMASGGPRLDHSREMKIIERYSELGPVGKDLAILL
LRLGRGPDAM
;
_entity_poly.pdbx_seq_one_letter_code_can   
;MNLEMLESQPLPEIVTLREEIDRLDAEILALVKRRAEVSQAIGKARMASGGPRLDHSREMKIIERYSELGPVGKDLAILL
LRLGRGPDAM
;
_entity_poly.pdbx_strand_id                 D 
_entity_poly.pdbx_target_identifier         ? 
# 
_pdbx_entity_nonpoly.entity_id   2 
_pdbx_entity_nonpoly.name        water 
_pdbx_entity_nonpoly.comp_id     HOH 
# 
loop_
_entity_poly_seq.entity_id 
_entity_poly_seq.num 
_entity_poly_seq.mon_id 
_entity_poly_seq.hetero 
1 1  MET n 
1 2  ASN n 
1 3  LEU n 
1 4  GLU n 
1 5  MET n 
1 6  LEU n 
1 7  GLU n 
1 8  SER n 
1 9  GLN n 
1 10 PRO n 
1 11 LEU n 
1 12 PRO n 
1 13 GLU n 
1 14 ILE n 
1 15 VAL n 
1 16 THR n 
1 17 LEU n 
1 18 ARG n 
1 19 GLU n 
1 20 GLU n 
1 21 ILE n 
1 22 ASP n 
1 23 ARG n 
1 24 LEU n 
1 25 ASP n 
1 26 ALA n 
1 27 GLU n 
1 28 ILE n 
1 29 LEU n 
1 30 ALA n 
1 31 LEU n 
1 32 VAL n 
1 33 LYS n 
1 34 ARG n 
1 35 ARG n 
1 36 ALA n 
1 37 GLU n 
1 38 VAL n 
1 39 SER n 
1 40 GLN n 
1 41 ALA n 
1 42 ILE n 
1 43 GLY n 
1 44 LYS n 
1 45 ALA n 
1 46 ARG n 
1 47 MET n 
1 48 ALA n 
1 49 SER n 
1 50 GLY n 
1 51 GLY n 
1 52 PRO n 
1 53 ARG n 
1 54 LEU n 
1 55 ASP n 
1 56 HIS n 
1 57 SER n 
1 58 ARG n 
1 59 GLU n 
1 60 MET n 
1 61 LYS n 
1 62 ILE n 
1 63 ILE n 
1 64 GLU n 
1 65 ARG n 
1 66 TYR n 
1 67 SER n 
1 68 GLU n 
1 69 LEU n 
1 70 GLY n 
1 71 PRO n 
1 72 VAL n 
1 73 GLY n 
1 74 LYS n 
1 75 ASP n 
1 76 LEU n 
1 77 ALA n 
1 78 ILE n 
1 79 LEU n 
1 80 LEU n 
1 81 LEU n 
1 82 ARG n 
1 83 LEU n 
1 84 GLY n 
1 85 ARG n 
1 86 GLY n 
1 87 PRO n 
1 88 ASP n 
1 89 ALA n 
1 90 MET n 
# 
_entity_src_gen.entity_id                          1 
_entity_src_gen.pdbx_src_id                        1 
_entity_src_gen.pdbx_alt_source_flag               sample 
_entity_src_gen.pdbx_seq_type                      'Biological sequence' 
_entity_src_gen.pdbx_beg_seq_num                   1 
_entity_src_gen.pdbx_end_seq_num                   90 
_entity_src_gen.gene_src_common_name               ? 
_entity_src_gen.gene_src_genus                     ? 
_entity_src_gen.pdbx_gene_src_gene                 'Rv0948c, MTCY10D7.26' 
_entity_src_gen.gene_src_species                   ? 
_entity_src_gen.gene_src_strain                    'ATCC 25618 / H37Rv' 
_entity_src_gen.gene_src_tissue                    ? 
_entity_src_gen.gene_src_tissue_fraction           ? 
_entity_src_gen.gene_src_details                   ? 
_entity_src_gen.pdbx_gene_src_fragment             ? 
_entity_src_gen.pdbx_gene_src_scientific_name      'Mycobacterium tuberculosis (strain ATCC 25618 / H37Rv)' 
_entity_src_gen.pdbx_gene_src_ncbi_taxonomy_id     83332 
_entity_src_gen.pdbx_gene_src_variant              ? 
_entity_src_gen.pdbx_gene_src_cell_line            ? 
_entity_src_gen.pdbx_gene_src_atcc                 ? 
_entity_src_gen.pdbx_gene_src_organ                ? 
_entity_src_gen.pdbx_gene_src_organelle            ? 
_entity_src_gen.pdbx_gene_src_cell                 ? 
_entity_src_gen.pdbx_gene_src_cellular_location    ? 
_entity_src_gen.host_org_common_name               ? 
_entity_src_gen.pdbx_host_org_scientific_name      'Escherichia coli' 
_entity_src_gen.pdbx_host_org_ncbi_taxonomy_id     562 
_entity_src_gen.host_org_genus                     ? 
_entity_src_gen.pdbx_host_org_gene                 ? 
_entity_src_gen.pdbx_host_org_organ                ? 
_entity_src_gen.host_org_species                   ? 
_entity_src_gen.pdbx_host_org_tissue               ? 
_entity_src_gen.pdbx_host_org_tissue_fraction      ? 
_entity_src_gen.pdbx_host_org_strain               ? 
_entity_src_gen.pdbx_host_org_variant              KA13 
_entity_src_gen.pdbx_host_org_cell_line            ? 
_entity_src_gen.pdbx_host_org_atcc                 ? 
_entity_src_gen.pdbx_host_org_culture_collection   ? 
_entity_src_gen.pdbx_host_org_cell                 ? 
_entity_src_gen.pdbx_host_org_organelle            ? 
_entity_src_gen.pdbx_host_org_cellular_location    ? 
_entity_src_gen.pdbx_host_org_vector_type          Plasmid 
_entity_src_gen.pdbx_host_org_vector               ? 
_entity_src_gen.host_org_details                   ? 
_entity_src_gen.expression_system_id               ? 
_entity_src_gen.plasmid_name                       pKTCMM 
_entity_src_gen.plasmid_details                    ? 
_entity_src_gen.pdbx_description                   ? 
# 
loop_
_chem_comp.id 
_chem_comp.type 
_chem_comp.mon_nstd_flag 
_chem_comp.name 
_chem_comp.pdbx_synonyms 
_chem_comp.formula 
_chem_comp.formula_weight 
ALA 'L-peptide linking' y ALANINE         ? 'C3 H7 N O2'     89.093  
ARG 'L-peptide linking' y ARGININE        ? 'C6 H15 N4 O2 1' 175.209 
ASN 'L-peptide linking' y ASPARAGINE      ? 'C4 H8 N2 O3'    132.118 
ASP 'L-peptide linking' y 'ASPARTIC ACID' ? 'C4 H7 N O4'     133.103 
GLN 'L-peptide linking' y GLUTAMINE       ? 'C5 H10 N2 O3'   146.144 
GLU 'L-peptide linking' y 'GLUTAMIC ACID' ? 'C5 H9 N O4'     147.129 
GLY 'peptide linking'   y GLYCINE         ? 'C2 H5 N O2'     75.067  
HIS 'L-peptide linking' y HISTIDINE       ? 'C6 H10 N3 O2 1' 156.162 
HOH non-polymer         . WATER           ? 'H2 O'           18.015  
ILE 'L-peptide linking' y ISOLEUCINE      ? 'C6 H13 N O2'    131.173 
LEU 'L-peptide linking' y LEUCINE         ? 'C6 H13 N O2'    131.173 
LYS 'L-peptide linking' y LYSINE          ? 'C6 H15 N2 O2 1' 147.195 
MET 'L-peptide linking' y METHIONINE      ? 'C5 H11 N O2 S'  149.211 
PRO 'L-peptide linking' y PROLINE         ? 'C5 H9 N O2'     115.130 
SER 'L-peptide linking' y SERINE          ? 'C3 H7 N O3'     105.093 
THR 'L-peptide linking' y THREONINE       ? 'C4 H9 N O3'     119.119 
TYR 'L-peptide linking' y TYROSINE        ? 'C9 H11 N O3'    181.189 
VAL 'L-peptide linking' y VALINE          ? 'C5 H11 N O2'    117.146 
# 
loop_
_pdbx_poly_seq_scheme.asym_id 
_pdbx_poly_seq_scheme.entity_id 
_pdbx_poly_seq_scheme.seq_id 
_pdbx_poly_seq_scheme.mon_id 
_pdbx_poly_seq_scheme.ndb_seq_num 
_pdbx_poly_seq_scheme.pdb_seq_num 
_pdbx_poly_seq_scheme.auth_seq_num 
_pdbx_poly_seq_scheme.pdb_mon_id 
_pdbx_poly_seq_scheme.auth_mon_id 
_pdbx_poly_seq_scheme.pdb_strand_id 
_pdbx_poly_seq_scheme.pdb_ins_code 
_pdbx_poly_seq_scheme.hetero 
A 1 1  MET 1  1  ?  ?   ?   D . n 
A 1 2  ASN 2  2  ?  ?   ?   D . n 
A 1 3  LEU 3  3  ?  ?   ?   D . n 
A 1 4  GLU 4  4  ?  ?   ?   D . n 
A 1 5  MET 5  5  ?  ?   ?   D . n 
A 1 6  LEU 6  6  ?  ?   ?   D . n 
A 1 7  GLU 7  7  ?  ?   ?   D . n 
A 1 8  SER 8  8  ?  ?   ?   D . n 
A 1 9  GLN 9  9  ?  ?   ?   D . n 
A 1 10 PRO 10 10 ?  ?   ?   D . n 
A 1 11 LEU 11 11 11 LEU LEU D . n 
A 1 12 PRO 12 12 12 PRO PRO D . n 
A 1 13 GLU 13 13 13 GLU GLU D . n 
A 1 14 ILE 14 14 14 ILE ILE D . n 
A 1 15 VAL 15 15 15 VAL VAL D . n 
A 1 16 THR 16 16 16 THR THR D . n 
A 1 17 LEU 17 17 17 LEU LEU D . n 
A 1 18 ARG 18 18 18 ARG ARG D . n 
A 1 19 GLU 19 19 19 GLU GLU D . n 
A 1 20 GLU 20 20 20 GLU GLU D . n 
A 1 21 ILE 21 21 21 ILE ILE D . n 
A 1 22 ASP 22 22 22 ASP ASP D . n 
A 1 23 ARG 23 23 23 ARG ARG D . n 
A 1 24 LEU 24 24 24 LEU LEU D . n 
A 1 25 ASP 25 25 25 ASP ASP D . n 
A 1 26 ALA 26 26 26 ALA ALA D . n 
A 1 27 GLU 27 27 27 GLU GLU D . n 
A 1 28 ILE 28 28 28 ILE ILE D . n 
A 1 29 LEU 29 29 29 LEU LEU D . n 
A 1 30 ALA 30 30 30 ALA ALA D . n 
A 1 31 LEU 31 31 31 LEU LEU D . n 
A 1 32 VAL 32 32 32 VAL VAL D . n 
A 1 33 LYS 33 33 33 LYS LYS D . n 
A 1 34 ARG 34 34 34 ARG ARG D . n 
A 1 35 ARG 35 35 35 ARG ARG D . n 
A 1 36 ALA 36 36 36 ALA ALA D . n 
A 1 37 GLU 37 37 37 GLU GLU D . n 
A 1 38 VAL 38 38 38 VAL VAL D . n 
A 1 39 SER 39 39 39 SER SER D . n 
A 1 40 GLN 40 40 40 GLN GLN D . n 
A 1 41 ALA 41 41 41 ALA ALA D . n 
A 1 42 ILE 42 42 42 ILE ILE D . n 
A 1 43 GLY 43 43 43 GLY GLY D . n 
A 1 44 LYS 44 44 44 LYS LYS D . n 
A 1 45 ALA 45 45 45 ALA ALA D . n 
A 1 46 ARG 46 46 46 ARG ARG D . n 
A 1 47 MET 47 47 47 MET MET D . n 
A 1 48 ALA 48 48 48 ALA ALA D . n 
A 1 49 SER 49 49 49 SER SER D . n 
A 1 50 GLY 50 50 50 GLY GLY D . n 
A 1 51 GLY 51 51 51 GLY GLY D . n 
A 1 52 PRO 52 52 52 PRO PRO D . n 
A 1 53 ARG 53 53 53 ARG ARG D . n 
A 1 54 LEU 54 54 54 LEU LEU D . n 
A 1 55 ASP 55 55 55 ASP ASP D . n 
A 1 56 HIS 56 56 56 HIS HIS D . n 
A 1 57 SER 57 57 57 SER SER D . n 
A 1 58 ARG 58 58 58 ARG ARG D . n 
A 1 59 GLU 59 59 59 GLU GLU D . n 
A 1 60 MET 60 60 60 MET MET D . n 
A 1 61 LYS 61 61 61 LYS LYS D . n 
A 1 62 ILE 62 62 62 ILE ILE D . n 
A 1 63 ILE 63 63 63 ILE ILE D . n 
A 1 64 GLU 64 64 64 GLU GLU D . n 
A 1 65 ARG 65 65 65 ARG ARG D . n 
A 1 66 TYR 66 66 66 TYR TYR D . n 
A 1 67 SER 67 67 67 SER SER D . n 
A 1 68 GLU 68 68 68 GLU GLU D . n 
A 1 69 LEU 69 69 69 LEU LEU D . n 
A 1 70 GLY 70 70 70 GLY GLY D . n 
A 1 71 PRO 71 71 71 PRO PRO D . n 
A 1 72 VAL 72 72 72 VAL VAL D . n 
A 1 73 GLY 73 73 73 GLY GLY D . n 
A 1 74 LYS 74 74 74 LYS LYS D . n 
A 1 75 ASP 75 75 75 ASP ASP D . n 
A 1 76 LEU 76 76 76 LEU LEU D . n 
A 1 77 ALA 77 77 77 ALA ALA D . n 
A 1 78 ILE 78 78 78 ILE ILE D . n 
A 1 79 LEU 79 79 79 LEU LEU D . n 
A 1 80 LEU 80 80 80 LEU LEU D . n 
A 1 81 LEU 81 81 81 LEU LEU D . n 
A 1 82 ARG 82 82 82 ARG ARG D . n 
A 1 83 LEU 83 83 83 LEU LEU D . n 
A 1 84 GLY 84 84 84 GLY GLY D . n 
A 1 85 ARG 85 85 85 ARG ARG D . n 
A 1 86 GLY 86 86 86 GLY GLY D . n 
A 1 87 PRO 87 87 87 PRO PRO D . n 
A 1 88 ASP 88 88 88 ASP ASP D . n 
A 1 89 ALA 89 89 ?  ?   ?   D . n 
A 1 90 MET 90 90 ?  ?   ?   D . n 
# 
loop_
_pdbx_nonpoly_scheme.asym_id 
_pdbx_nonpoly_scheme.entity_id 
_pdbx_nonpoly_scheme.mon_id 
_pdbx_nonpoly_scheme.ndb_seq_num 
_pdbx_nonpoly_scheme.pdb_seq_num 
_pdbx_nonpoly_scheme.auth_seq_num 
_pdbx_nonpoly_scheme.pdb_mon_id 
_pdbx_nonpoly_scheme.auth_mon_id 
_pdbx_nonpoly_scheme.pdb_strand_id 
_pdbx_nonpoly_scheme.pdb_ins_code 
B 2 HOH 1  101 83  HOH HOH D . 
B 2 HOH 2  102 24  HOH HOH D . 
B 2 HOH 3  103 97  HOH HOH D . 
B 2 HOH 4  104 40  HOH HOH D . 
B 2 HOH 5  105 81  HOH HOH D . 
B 2 HOH 6  106 131 HOH HOH D . 
B 2 HOH 7  107 122 HOH HOH D . 
B 2 HOH 8  108 12  HOH HOH D . 
B 2 HOH 9  109 47  HOH HOH D . 
B 2 HOH 10 110 63  HOH HOH D . 
B 2 HOH 11 111 66  HOH HOH D . 
B 2 HOH 12 112 15  HOH HOH D . 
B 2 HOH 13 113 61  HOH HOH D . 
B 2 HOH 14 114 42  HOH HOH D . 
B 2 HOH 15 115 128 HOH HOH D . 
B 2 HOH 16 116 1   HOH HOH D . 
B 2 HOH 17 117 79  HOH HOH D . 
B 2 HOH 18 118 3   HOH HOH D . 
B 2 HOH 19 119 13  HOH HOH D . 
B 2 HOH 20 120 2   HOH HOH D . 
B 2 HOH 21 121 30  HOH HOH D . 
B 2 HOH 22 122 60  HOH HOH D . 
B 2 HOH 23 123 69  HOH HOH D . 
B 2 HOH 24 124 58  HOH HOH D . 
B 2 HOH 25 125 43  HOH HOH D . 
B 2 HOH 26 126 130 HOH HOH D . 
B 2 HOH 27 127 126 HOH HOH D . 
B 2 HOH 28 128 77  HOH HOH D . 
B 2 HOH 29 129 29  HOH HOH D . 
B 2 HOH 30 130 80  HOH HOH D . 
B 2 HOH 31 131 129 HOH HOH D . 
B 2 HOH 32 132 118 HOH HOH D . 
B 2 HOH 33 133 78  HOH HOH D . 
B 2 HOH 34 134 115 HOH HOH D . 
B 2 HOH 35 135 89  HOH HOH D . 
B 2 HOH 36 136 25  HOH HOH D . 
B 2 HOH 37 137 35  HOH HOH D . 
B 2 HOH 38 138 113 HOH HOH D . 
B 2 HOH 39 139 68  HOH HOH D . 
B 2 HOH 40 140 57  HOH HOH D . 
B 2 HOH 41 141 19  HOH HOH D . 
B 2 HOH 42 142 34  HOH HOH D . 
B 2 HOH 43 143 109 HOH HOH D . 
B 2 HOH 44 144 14  HOH HOH D . 
B 2 HOH 45 145 44  HOH HOH D . 
B 2 HOH 46 146 71  HOH HOH D . 
B 2 HOH 47 147 108 HOH HOH D . 
B 2 HOH 48 148 84  HOH HOH D . 
B 2 HOH 49 149 82  HOH HOH D . 
B 2 HOH 50 150 102 HOH HOH D . 
B 2 HOH 51 151 51  HOH HOH D . 
B 2 HOH 52 152 11  HOH HOH D . 
B 2 HOH 53 153 33  HOH HOH D . 
B 2 HOH 54 154 28  HOH HOH D . 
B 2 HOH 55 155 91  HOH HOH D . 
B 2 HOH 56 156 70  HOH HOH D . 
B 2 HOH 57 157 85  HOH HOH D . 
B 2 HOH 58 158 103 HOH HOH D . 
B 2 HOH 59 159 88  HOH HOH D . 
B 2 HOH 60 160 117 HOH HOH D . 
B 2 HOH 61 161 125 HOH HOH D . 
B 2 HOH 62 162 132 HOH HOH D . 
B 2 HOH 63 163 96  HOH HOH D . 
B 2 HOH 64 164 124 HOH HOH D . 
B 2 HOH 65 165 127 HOH HOH D . 
B 2 HOH 66 166 27  HOH HOH D . 
B 2 HOH 67 167 26  HOH HOH D . 
B 2 HOH 68 168 67  HOH HOH D . 
B 2 HOH 69 169 73  HOH HOH D . 
B 2 HOH 70 170 36  HOH HOH D . 
B 2 HOH 71 171 59  HOH HOH D . 
# 
loop_
_software.citation_id 
_software.classification 
_software.compiler_name 
_software.compiler_version 
_software.contact_author 
_software.contact_author_email 
_software.date 
_software.description 
_software.dependencies 
_software.hardware 
_software.language 
_software.location 
_software.mods 
_software.name 
_software.os 
_software.os_version 
_software.type 
_software.version 
_software.pdbx_ordinal 
? refinement       ? ? ? ? ? ? ? ? ? ? ? REFMAC  ? ? ? 5.8.0151 1 
? 'data reduction' ? ? ? ? ? ? ? ? ? ? ? XDS     ? ? ? .        2 
? 'data scaling'   ? ? ? ? ? ? ? ? ? ? ? Aimless ? ? ? .        3 
? phasing          ? ? ? ? ? ? ? ? ? ? ? PHASER  ? ? ? .        4 
# 
_cell.angle_alpha                  90.00 
_cell.angle_alpha_esd              ? 
_cell.angle_beta                   90.00 
_cell.angle_beta_esd               ? 
_cell.angle_gamma                  120.00 
_cell.angle_gamma_esd              ? 
_cell.entry_id                     5MPV 
_cell.details                      ? 
_cell.formula_units_Z              ? 
_cell.length_a                     54.587 
_cell.length_a_esd                 ? 
_cell.length_b                     54.587 
_cell.length_b_esd                 ? 
_cell.length_c                     63.217 
_cell.length_c_esd                 ? 
_cell.volume                       ? 
_cell.volume_esd                   ? 
_cell.Z_PDB                        6 
_cell.reciprocal_angle_alpha       ? 
_cell.reciprocal_angle_beta        ? 
_cell.reciprocal_angle_gamma       ? 
_cell.reciprocal_angle_alpha_esd   ? 
_cell.reciprocal_angle_beta_esd    ? 
_cell.reciprocal_angle_gamma_esd   ? 
_cell.reciprocal_length_a          ? 
_cell.reciprocal_length_b          ? 
_cell.reciprocal_length_c          ? 
_cell.reciprocal_length_a_esd      ? 
_cell.reciprocal_length_b_esd      ? 
_cell.reciprocal_length_c_esd      ? 
_cell.pdbx_unique_axis             ? 
# 
_symmetry.entry_id                         5MPV 
_symmetry.cell_setting                     ? 
_symmetry.Int_Tables_number                172 
_symmetry.space_group_name_Hall            ? 
_symmetry.space_group_name_H-M             'P 64' 
_symmetry.pdbx_full_space_group_name_H-M   ? 
# 
_exptl.absorpt_coefficient_mu     ? 
_exptl.absorpt_correction_T_max   ? 
_exptl.absorpt_correction_T_min   ? 
_exptl.absorpt_correction_type    ? 
_exptl.absorpt_process_details    ? 
_exptl.entry_id                   5MPV 
_exptl.crystals_number            1 
_exptl.details                    ? 
_exptl.method                     'X-RAY DIFFRACTION' 
_exptl.method_details             ? 
# 
_exptl_crystal.colour                      ? 
_exptl_crystal.density_diffrn              ? 
_exptl_crystal.density_Matthews            2.70 
_exptl_crystal.density_method              ? 
_exptl_crystal.density_percent_sol         54.47 
_exptl_crystal.description                 ? 
_exptl_crystal.F_000                       ? 
_exptl_crystal.id                          1 
_exptl_crystal.preparation                 ? 
_exptl_crystal.size_max                    ? 
_exptl_crystal.size_mid                    ? 
_exptl_crystal.size_min                    ? 
_exptl_crystal.size_rad                    ? 
_exptl_crystal.colour_lustre               ? 
_exptl_crystal.colour_modifier             ? 
_exptl_crystal.colour_primary              ? 
_exptl_crystal.density_meas                ? 
_exptl_crystal.density_meas_esd            ? 
_exptl_crystal.density_meas_gt             ? 
_exptl_crystal.density_meas_lt             ? 
_exptl_crystal.density_meas_temp           ? 
_exptl_crystal.density_meas_temp_esd       ? 
_exptl_crystal.density_meas_temp_gt        ? 
_exptl_crystal.density_meas_temp_lt        ? 
_exptl_crystal.pdbx_crystal_image_url      ? 
_exptl_crystal.pdbx_crystal_image_format   ? 
_exptl_crystal.pdbx_mosaicity              ? 
_exptl_crystal.pdbx_mosaicity_esd          ? 
# 
_exptl_crystal_grow.apparatus       ? 
_exptl_crystal_grow.atmosphere      ? 
_exptl_crystal_grow.crystal_id      1 
_exptl_crystal_grow.details         ? 
_exptl_crystal_grow.method          'VAPOR DIFFUSION, HANGING DROP' 
_exptl_crystal_grow.method_ref      ? 
_exptl_crystal_grow.pH              8.5 
_exptl_crystal_grow.pressure        ? 
_exptl_crystal_grow.pressure_esd    ? 
_exptl_crystal_grow.seeding         ? 
_exptl_crystal_grow.seeding_ref     ? 
_exptl_crystal_grow.temp            293 
_exptl_crystal_grow.temp_details    ? 
_exptl_crystal_grow.temp_esd        ? 
_exptl_crystal_grow.time            ? 
_exptl_crystal_grow.pdbx_details    '25% PEG MME 2000, 0.2 M trimehylamino-N-oxide, 0.1 M Tris. Microseeding.' 
_exptl_crystal_grow.pdbx_pH_range   ? 
# 
_diffrn.ambient_environment    ? 
_diffrn.ambient_temp           100 
_diffrn.ambient_temp_details   ? 
_diffrn.ambient_temp_esd       ? 
_diffrn.crystal_id             1 
_diffrn.crystal_support        ? 
_diffrn.crystal_treatment      ? 
_diffrn.details                ? 
_diffrn.id                     1 
_diffrn.ambient_pressure       ? 
_diffrn.ambient_pressure_esd   ? 
_diffrn.ambient_pressure_gt    ? 
_diffrn.ambient_pressure_lt    ? 
_diffrn.ambient_temp_gt        ? 
_diffrn.ambient_temp_lt        ? 
# 
_diffrn_detector.details                      ? 
_diffrn_detector.detector                     CCD 
_diffrn_detector.diffrn_id                    1 
_diffrn_detector.type                         'MARMOSAIC 225 mm CCD' 
_diffrn_detector.area_resol_mean              ? 
_diffrn_detector.dtime                        ? 
_diffrn_detector.pdbx_frames_total            ? 
_diffrn_detector.pdbx_collection_time_total   ? 
_diffrn_detector.pdbx_collection_date         2016-04-01 
# 
_diffrn_radiation.collimation                      ? 
_diffrn_radiation.diffrn_id                        1 
_diffrn_radiation.filter_edge                      ? 
_diffrn_radiation.inhomogeneity                    ? 
_diffrn_radiation.monochromator                    ? 
_diffrn_radiation.polarisn_norm                    ? 
_diffrn_radiation.polarisn_ratio                   ? 
_diffrn_radiation.probe                            ? 
_diffrn_radiation.type                             ? 
_diffrn_radiation.xray_symbol                      ? 
_diffrn_radiation.wavelength_id                    1 
_diffrn_radiation.pdbx_monochromatic_or_laue_m_l   M 
_diffrn_radiation.pdbx_wavelength_list             ? 
_diffrn_radiation.pdbx_wavelength                  ? 
_diffrn_radiation.pdbx_diffrn_protocol             'SINGLE WAVELENGTH' 
_diffrn_radiation.pdbx_analyzer                    ? 
_diffrn_radiation.pdbx_scattering_type             x-ray 
# 
_diffrn_radiation_wavelength.id           1 
_diffrn_radiation_wavelength.wavelength   0.953723 
_diffrn_radiation_wavelength.wt           1.0 
# 
_diffrn_source.current                     ? 
_diffrn_source.details                     ? 
_diffrn_source.diffrn_id                   1 
_diffrn_source.power                       ? 
_diffrn_source.size                        ? 
_diffrn_source.source                      SYNCHROTRON 
_diffrn_source.target                      ? 
_diffrn_source.type                        'ESRF BEAMLINE BM14' 
_diffrn_source.voltage                     ? 
_diffrn_source.take-off_angle              ? 
_diffrn_source.pdbx_wavelength_list        0.953723 
_diffrn_source.pdbx_wavelength             ? 
_diffrn_source.pdbx_synchrotron_beamline   BM14 
_diffrn_source.pdbx_synchrotron_site       ESRF 
# 
_reflns.B_iso_Wilson_estimate            ? 
_reflns.entry_id                         5MPV 
_reflns.data_reduction_details           ? 
_reflns.data_reduction_method            ? 
_reflns.d_resolution_high                1.488 
_reflns.d_resolution_low                 47.27 
_reflns.details                          ? 
_reflns.limit_h_max                      ? 
_reflns.limit_h_min                      ? 
_reflns.limit_k_max                      ? 
_reflns.limit_k_min                      ? 
_reflns.limit_l_max                      ? 
_reflns.limit_l_min                      ? 
_reflns.number_all                       ? 
_reflns.number_obs                       16797 
_reflns.observed_criterion               ? 
_reflns.observed_criterion_F_max         ? 
_reflns.observed_criterion_F_min         ? 
_reflns.observed_criterion_I_max         ? 
_reflns.observed_criterion_I_min         ? 
_reflns.observed_criterion_sigma_F       ? 
_reflns.observed_criterion_sigma_I       ? 
_reflns.percent_possible_obs             95.5 
_reflns.R_free_details                   ? 
_reflns.Rmerge_F_all                     ? 
_reflns.Rmerge_F_obs                     ? 
_reflns.Friedel_coverage                 ? 
_reflns.number_gt                        ? 
_reflns.threshold_expression             ? 
_reflns.pdbx_redundancy                  6.2 
_reflns.pdbx_Rmerge_I_obs                ? 
_reflns.pdbx_Rmerge_I_all                ? 
_reflns.pdbx_Rsym_value                  ? 
_reflns.pdbx_netI_over_av_sigmaI         ? 
_reflns.pdbx_netI_over_sigmaI            15.01 
_reflns.pdbx_res_netI_over_av_sigmaI_2   ? 
_reflns.pdbx_res_netI_over_sigmaI_2      ? 
_reflns.pdbx_chi_squared                 ? 
_reflns.pdbx_scaling_rejects             ? 
_reflns.pdbx_d_res_high_opt              ? 
_reflns.pdbx_d_res_low_opt               ? 
_reflns.pdbx_d_res_opt_method            ? 
_reflns.phase_calculation_details        ? 
_reflns.pdbx_Rrim_I_all                  0.056 
_reflns.pdbx_Rpim_I_all                  ? 
_reflns.pdbx_d_opt                       ? 
_reflns.pdbx_number_measured_all         ? 
_reflns.pdbx_diffrn_id                   1 
_reflns.pdbx_ordinal                     1 
_reflns.pdbx_CC_half                     0.999 
_reflns.pdbx_R_split                     ? 
# 
_reflns_shell.d_res_high                  1.488 
_reflns_shell.d_res_low                   1.496 
_reflns_shell.meanI_over_sigI_all         ? 
_reflns_shell.meanI_over_sigI_obs         0.33 
_reflns_shell.number_measured_all         ? 
_reflns_shell.number_measured_obs         ? 
_reflns_shell.number_possible             ? 
_reflns_shell.number_unique_all           ? 
_reflns_shell.number_unique_obs           ? 
_reflns_shell.percent_possible_all        82.9 
_reflns_shell.percent_possible_obs        ? 
_reflns_shell.Rmerge_F_all                ? 
_reflns_shell.Rmerge_F_obs                ? 
_reflns_shell.Rmerge_I_all                ? 
_reflns_shell.Rmerge_I_obs                ? 
_reflns_shell.meanI_over_sigI_gt          ? 
_reflns_shell.meanI_over_uI_all           ? 
_reflns_shell.meanI_over_uI_gt            ? 
_reflns_shell.number_measured_gt          ? 
_reflns_shell.number_unique_gt            ? 
_reflns_shell.percent_possible_gt         ? 
_reflns_shell.Rmerge_F_gt                 ? 
_reflns_shell.Rmerge_I_gt                 ? 
_reflns_shell.pdbx_redundancy             2.2 
_reflns_shell.pdbx_Rsym_value             ? 
_reflns_shell.pdbx_chi_squared            ? 
_reflns_shell.pdbx_netI_over_sigmaI_all   ? 
_reflns_shell.pdbx_netI_over_sigmaI_obs   ? 
_reflns_shell.pdbx_Rrim_I_all             2.806 
_reflns_shell.pdbx_Rpim_I_all             ? 
_reflns_shell.pdbx_rejects                ? 
_reflns_shell.pdbx_ordinal                1 
_reflns_shell.pdbx_diffrn_id              1 
_reflns_shell.pdbx_CC_half                0.332 
_reflns_shell.pdbx_R_split                ? 
# 
_refine.aniso_B[1][1]                            1.34 
_refine.aniso_B[1][2]                            0.67 
_refine.aniso_B[1][3]                            0.00 
_refine.aniso_B[2][2]                            1.34 
_refine.aniso_B[2][3]                            0.00 
_refine.aniso_B[3][3]                            -4.35 
_refine.B_iso_max                                ? 
_refine.B_iso_mean                               49.423 
_refine.B_iso_min                                ? 
_refine.correlation_coeff_Fo_to_Fc               0.979 
_refine.correlation_coeff_Fo_to_Fc_free          0.969 
_refine.details                                  'HYDROGENS HAVE BEEN ADDED IN THE RIDING POSITIONS' 
_refine.diff_density_max                         ? 
_refine.diff_density_max_esd                     ? 
_refine.diff_density_min                         ? 
_refine.diff_density_min_esd                     ? 
_refine.diff_density_rms                         ? 
_refine.diff_density_rms_esd                     ? 
_refine.entry_id                                 5MPV 
_refine.pdbx_refine_id                           'X-RAY DIFFRACTION' 
_refine.ls_abs_structure_details                 ? 
_refine.ls_abs_structure_Flack                   ? 
_refine.ls_abs_structure_Flack_esd               ? 
_refine.ls_abs_structure_Rogers                  ? 
_refine.ls_abs_structure_Rogers_esd              ? 
_refine.ls_d_res_high                            1.49 
_refine.ls_d_res_low                             47.27 
_refine.ls_extinction_coef                       ? 
_refine.ls_extinction_coef_esd                   ? 
_refine.ls_extinction_expression                 ? 
_refine.ls_extinction_method                     ? 
_refine.ls_goodness_of_fit_all                   ? 
_refine.ls_goodness_of_fit_all_esd               ? 
_refine.ls_goodness_of_fit_obs                   ? 
_refine.ls_goodness_of_fit_obs_esd               ? 
_refine.ls_hydrogen_treatment                    ? 
_refine.ls_matrix_type                           ? 
_refine.ls_number_constraints                    ? 
_refine.ls_number_parameters                     ? 
_refine.ls_number_reflns_all                     ? 
_refine.ls_number_reflns_obs                     15948 
_refine.ls_number_reflns_R_free                  831 
_refine.ls_number_reflns_R_work                  ? 
_refine.ls_number_restraints                     ? 
_refine.ls_percent_reflns_obs                    95.38 
_refine.ls_percent_reflns_R_free                 5.0 
_refine.ls_R_factor_all                          ? 
_refine.ls_R_factor_obs                          0.19110 
_refine.ls_R_factor_R_free                       0.21875 
_refine.ls_R_factor_R_free_error                 ? 
_refine.ls_R_factor_R_free_error_details         ? 
_refine.ls_R_factor_R_work                       0.18954 
_refine.ls_R_Fsqd_factor_obs                     ? 
_refine.ls_R_I_factor_obs                        ? 
_refine.ls_redundancy_reflns_all                 ? 
_refine.ls_redundancy_reflns_obs                 ? 
_refine.ls_restrained_S_all                      ? 
_refine.ls_restrained_S_obs                      ? 
_refine.ls_shift_over_esd_max                    ? 
_refine.ls_shift_over_esd_mean                   ? 
_refine.ls_structure_factor_coef                 ? 
_refine.ls_weighting_details                     ? 
_refine.ls_weighting_scheme                      ? 
_refine.ls_wR_factor_all                         ? 
_refine.ls_wR_factor_obs                         ? 
_refine.ls_wR_factor_R_free                      ? 
_refine.ls_wR_factor_R_work                      ? 
_refine.occupancy_max                            ? 
_refine.occupancy_min                            ? 
_refine.solvent_model_details                    ? 
_refine.solvent_model_param_bsol                 ? 
_refine.solvent_model_param_ksol                 ? 
_refine.ls_R_factor_gt                           ? 
_refine.ls_goodness_of_fit_gt                    ? 
_refine.ls_goodness_of_fit_ref                   ? 
_refine.ls_shift_over_su_max                     ? 
_refine.ls_shift_over_su_max_lt                  ? 
_refine.ls_shift_over_su_mean                    ? 
_refine.ls_shift_over_su_mean_lt                 ? 
_refine.pdbx_ls_sigma_I                          ? 
_refine.pdbx_ls_sigma_F                          ? 
_refine.pdbx_ls_sigma_Fsqd                       ? 
_refine.pdbx_data_cutoff_high_absF               ? 
_refine.pdbx_data_cutoff_high_rms_absF           ? 
_refine.pdbx_data_cutoff_low_absF                ? 
_refine.pdbx_isotropic_thermal_model             ? 
_refine.pdbx_ls_cross_valid_method               THROUGHOUT 
_refine.pdbx_method_to_determine_struct          'MOLECULAR REPLACEMENT' 
_refine.pdbx_starting_model                      2W1A 
_refine.pdbx_stereochemistry_target_values       ? 
_refine.pdbx_R_Free_selection_details            RANDOM 
_refine.pdbx_stereochem_target_val_spec_case     ? 
_refine.pdbx_overall_ESU_R                       0.068 
_refine.pdbx_overall_ESU_R_Free                  0.071 
_refine.pdbx_solvent_vdw_probe_radii             1.20 
_refine.pdbx_solvent_ion_probe_radii             0.80 
_refine.pdbx_solvent_shrinkage_radii             0.80 
_refine.pdbx_real_space_R                        ? 
_refine.pdbx_density_correlation                 ? 
_refine.pdbx_pd_number_of_powder_patterns        ? 
_refine.pdbx_pd_number_of_points                 ? 
_refine.pdbx_pd_meas_number_of_points            ? 
_refine.pdbx_pd_proc_ls_prof_R_factor            ? 
_refine.pdbx_pd_proc_ls_prof_wR_factor           ? 
_refine.pdbx_pd_Marquardt_correlation_coeff      ? 
_refine.pdbx_pd_Fsqrd_R_factor                   ? 
_refine.pdbx_pd_ls_matrix_band_width             ? 
_refine.pdbx_overall_phase_error                 ? 
_refine.pdbx_overall_SU_R_free_Cruickshank_DPI   ? 
_refine.pdbx_overall_SU_R_free_Blow_DPI          ? 
_refine.pdbx_overall_SU_R_Blow_DPI               ? 
_refine.pdbx_TLS_residual_ADP_flag               ? 
_refine.pdbx_diffrn_id                           1 
_refine.overall_SU_B                             3.360 
_refine.overall_SU_ML                            0.100 
_refine.overall_SU_R_Cruickshank_DPI             ? 
_refine.overall_SU_R_free                        ? 
_refine.overall_FOM_free_R_set                   ? 
_refine.overall_FOM_work_R_set                   ? 
_refine.pdbx_average_fsc_overall                 ? 
_refine.pdbx_average_fsc_work                    ? 
_refine.pdbx_average_fsc_free                    ? 
# 
_refine_hist.pdbx_refine_id                   'X-RAY DIFFRACTION' 
_refine_hist.cycle_id                         1 
_refine_hist.pdbx_number_atoms_protein        607 
_refine_hist.pdbx_number_atoms_nucleic_acid   0 
_refine_hist.pdbx_number_atoms_ligand         0 
_refine_hist.number_atoms_solvent             71 
_refine_hist.number_atoms_total               678 
_refine_hist.d_res_high                       1.49 
_refine_hist.d_res_low                        47.27 
# 
loop_
_refine_ls_restr.pdbx_refine_id 
_refine_ls_restr.criterion 
_refine_ls_restr.dev_ideal 
_refine_ls_restr.dev_ideal_target 
_refine_ls_restr.number 
_refine_ls_restr.rejects 
_refine_ls_restr.type 
_refine_ls_restr.weight 
_refine_ls_restr.pdbx_restraint_function 
'X-RAY DIFFRACTION' ? 0.020  0.019  645  ? r_bond_refined_d             ? ? 
'X-RAY DIFFRACTION' ? 0.002  0.020  679  ? r_bond_other_d               ? ? 
'X-RAY DIFFRACTION' ? 1.892  2.034  872  ? r_angle_refined_deg          ? ? 
'X-RAY DIFFRACTION' ? 1.086  3.000  1566 ? r_angle_other_deg            ? ? 
'X-RAY DIFFRACTION' ? 6.007  5.000  86   ? r_dihedral_angle_1_deg       ? ? 
'X-RAY DIFFRACTION' ? 23.578 21.429 28   ? r_dihedral_angle_2_deg       ? ? 
'X-RAY DIFFRACTION' ? 13.923 15.000 133  ? r_dihedral_angle_3_deg       ? ? 
'X-RAY DIFFRACTION' ? 16.999 15.000 11   ? r_dihedral_angle_4_deg       ? ? 
'X-RAY DIFFRACTION' ? 0.108  0.200  101  ? r_chiral_restr               ? ? 
'X-RAY DIFFRACTION' ? 0.009  0.021  716  ? r_gen_planes_refined         ? ? 
'X-RAY DIFFRACTION' ? 0.002  0.020  133  ? r_gen_planes_other           ? ? 
'X-RAY DIFFRACTION' ? ?      ?      ?    ? r_nbd_refined                ? ? 
'X-RAY DIFFRACTION' ? ?      ?      ?    ? r_nbd_other                  ? ? 
'X-RAY DIFFRACTION' ? ?      ?      ?    ? r_nbtor_refined              ? ? 
'X-RAY DIFFRACTION' ? ?      ?      ?    ? r_nbtor_other                ? ? 
'X-RAY DIFFRACTION' ? ?      ?      ?    ? r_xyhbond_nbd_refined        ? ? 
'X-RAY DIFFRACTION' ? ?      ?      ?    ? r_xyhbond_nbd_other          ? ? 
'X-RAY DIFFRACTION' ? ?      ?      ?    ? r_metal_ion_refined          ? ? 
'X-RAY DIFFRACTION' ? ?      ?      ?    ? r_metal_ion_other            ? ? 
'X-RAY DIFFRACTION' ? ?      ?      ?    ? r_symmetry_vdw_refined       ? ? 
'X-RAY DIFFRACTION' ? ?      ?      ?    ? r_symmetry_vdw_other         ? ? 
'X-RAY DIFFRACTION' ? ?      ?      ?    ? r_symmetry_hbond_refined     ? ? 
'X-RAY DIFFRACTION' ? ?      ?      ?    ? r_symmetry_hbond_other       ? ? 
'X-RAY DIFFRACTION' ? ?      ?      ?    ? r_symmetry_metal_ion_refined ? ? 
'X-RAY DIFFRACTION' ? ?      ?      ?    ? r_symmetry_metal_ion_other   ? ? 
'X-RAY DIFFRACTION' ? 4.945  4.582  324  ? r_mcbond_it                  ? ? 
'X-RAY DIFFRACTION' ? 4.942  4.558  323  ? r_mcbond_other               ? ? 
'X-RAY DIFFRACTION' ? 7.181  6.807  407  ? r_mcangle_it                 ? ? 
'X-RAY DIFFRACTION' ? 7.176  6.832  408  ? r_mcangle_other              ? ? 
'X-RAY DIFFRACTION' ? 5.731  5.049  321  ? r_scbond_it                  ? ? 
'X-RAY DIFFRACTION' ? 5.675  5.025  319  ? r_scbond_other               ? ? 
'X-RAY DIFFRACTION' ? ?      ?      ?    ? r_scangle_it                 ? ? 
'X-RAY DIFFRACTION' ? 8.265  7.384  461  ? r_scangle_other              ? ? 
'X-RAY DIFFRACTION' ? 11.125 56.344 782  ? r_long_range_B_refined       ? ? 
'X-RAY DIFFRACTION' ? 11.033 54.961 745  ? r_long_range_B_other         ? ? 
'X-RAY DIFFRACTION' ? ?      ?      ?    ? r_rigid_bond_restr           ? ? 
'X-RAY DIFFRACTION' ? ?      ?      ?    ? r_sphericity_free            ? ? 
'X-RAY DIFFRACTION' ? ?      ?      ?    ? r_sphericity_bonded          ? ? 
# 
_refine_ls_shell.pdbx_refine_id                   'X-RAY DIFFRACTION' 
_refine_ls_shell.d_res_high                       1.488 
_refine_ls_shell.d_res_low                        1.527 
_refine_ls_shell.number_reflns_all                ? 
_refine_ls_shell.number_reflns_obs                ? 
_refine_ls_shell.number_reflns_R_free             28 
_refine_ls_shell.number_reflns_R_work             891 
_refine_ls_shell.percent_reflns_obs               71.91 
_refine_ls_shell.percent_reflns_R_free            ? 
_refine_ls_shell.R_factor_all                     ? 
_refine_ls_shell.R_factor_obs                     ? 
_refine_ls_shell.R_factor_R_free                  0.562 
_refine_ls_shell.R_factor_R_free_error            ? 
_refine_ls_shell.R_factor_R_work                  0.595 
_refine_ls_shell.redundancy_reflns_all            ? 
_refine_ls_shell.redundancy_reflns_obs            ? 
_refine_ls_shell.wR_factor_all                    ? 
_refine_ls_shell.wR_factor_obs                    ? 
_refine_ls_shell.wR_factor_R_free                 ? 
_refine_ls_shell.wR_factor_R_work                 ? 
_refine_ls_shell.pdbx_total_number_of_bins_used   20 
_refine_ls_shell.pdbx_phase_error                 ? 
_refine_ls_shell.pdbx_fsc_work                    ? 
_refine_ls_shell.pdbx_fsc_free                    ? 
# 
_struct.entry_id                     5MPV 
_struct.title                        
'Crystal structure of a Mycobacterium tuberculosis chorismate mutase optimized for high autonomous activity by directed evolution' 
_struct.pdbx_model_details           ? 
_struct.pdbx_formula_weight          ? 
_struct.pdbx_formula_weight_method   ? 
_struct.pdbx_model_type_details      ? 
_struct.pdbx_CASP_flag               N 
# 
_struct_keywords.entry_id        5MPV 
_struct_keywords.text            'chorismate mutase, directed evolution, Mycobacterium tuberculosis, Isomerase' 
_struct_keywords.pdbx_keywords   ISOMERASE 
# 
loop_
_struct_asym.id 
_struct_asym.pdbx_blank_PDB_chainid_flag 
_struct_asym.pdbx_modified 
_struct_asym.entity_id 
_struct_asym.details 
A N N 1 ? 
B N N 2 ? 
# 
_struct_ref.id                         1 
_struct_ref.db_name                    UNP 
_struct_ref.db_code                    CHMU_MYCTU 
_struct_ref.pdbx_db_accession          P9WIC1 
_struct_ref.pdbx_db_isoform            ? 
_struct_ref.entity_id                  1 
_struct_ref.pdbx_seq_one_letter_code   MNLEMLESQPVPEIDTLREEIDRLDAEILALVKRRAEVSKAIGKARMASGGTRLVHSREMKVIERYSELGPDGKDLAI 
_struct_ref.pdbx_align_begin           16 
# 
_struct_ref_seq.align_id                      1 
_struct_ref_seq.ref_id                        1 
_struct_ref_seq.pdbx_PDB_id_code              5MPV 
_struct_ref_seq.pdbx_strand_id                D 
_struct_ref_seq.seq_align_beg                 1 
_struct_ref_seq.pdbx_seq_align_beg_ins_code   ? 
_struct_ref_seq.seq_align_end                 78 
_struct_ref_seq.pdbx_seq_align_end_ins_code   ? 
_struct_ref_seq.pdbx_db_accession             P9WIC1 
_struct_ref_seq.db_align_beg                  16 
_struct_ref_seq.pdbx_db_align_beg_ins_code    ? 
_struct_ref_seq.db_align_end                  93 
_struct_ref_seq.pdbx_db_align_end_ins_code    ? 
_struct_ref_seq.pdbx_auth_seq_align_beg       1 
_struct_ref_seq.pdbx_auth_seq_align_end       78 
# 
loop_
_struct_ref_seq_dif.align_id 
_struct_ref_seq_dif.pdbx_pdb_id_code 
_struct_ref_seq_dif.mon_id 
_struct_ref_seq_dif.pdbx_pdb_strand_id 
_struct_ref_seq_dif.seq_num 
_struct_ref_seq_dif.pdbx_pdb_ins_code 
_struct_ref_seq_dif.pdbx_seq_db_name 
_struct_ref_seq_dif.pdbx_seq_db_accession_code 
_struct_ref_seq_dif.db_mon_id 
_struct_ref_seq_dif.pdbx_seq_db_seq_num 
_struct_ref_seq_dif.details 
_struct_ref_seq_dif.pdbx_auth_seq_num 
_struct_ref_seq_dif.pdbx_ordinal 
1 5MPV LEU D 11 ? UNP P9WIC1 VAL 26 'engineered mutation' 11 1  
1 5MPV VAL D 15 ? UNP P9WIC1 ASP 30 'engineered mutation' 15 2  
1 5MPV GLN D 40 ? UNP P9WIC1 LYS 55 'engineered mutation' 40 3  
1 5MPV PRO D 52 ? UNP P9WIC1 THR 67 'engineered mutation' 52 4  
1 5MPV ASP D 55 ? UNP P9WIC1 VAL 70 'engineered mutation' 55 5  
1 5MPV ILE D 62 ? UNP P9WIC1 VAL 77 'engineered mutation' 62 6  
1 5MPV VAL D 72 ? UNP P9WIC1 ASP 87 'engineered mutation' 72 7  
1 5MPV LEU D 79 ? UNP P9WIC1 ?   ?  'expression tag'      79 8  
1 5MPV LEU D 80 ? UNP P9WIC1 ?   ?  'expression tag'      80 9  
1 5MPV LEU D 81 ? UNP P9WIC1 ?   ?  'expression tag'      81 10 
1 5MPV ARG D 82 ? UNP P9WIC1 ?   ?  'expression tag'      82 11 
1 5MPV LEU D 83 ? UNP P9WIC1 ?   ?  'expression tag'      83 12 
1 5MPV GLY D 84 ? UNP P9WIC1 ?   ?  'expression tag'      84 13 
1 5MPV ARG D 85 ? UNP P9WIC1 ?   ?  'expression tag'      85 14 
1 5MPV GLY D 86 ? UNP P9WIC1 ?   ?  'expression tag'      86 15 
1 5MPV PRO D 87 ? UNP P9WIC1 ?   ?  'expression tag'      87 16 
1 5MPV ASP D 88 ? UNP P9WIC1 ?   ?  'expression tag'      88 17 
1 5MPV ALA D 89 ? UNP P9WIC1 ?   ?  'expression tag'      89 18 
1 5MPV MET D 90 ? UNP P9WIC1 ?   ?  'expression tag'      90 19 
# 
_pdbx_struct_assembly.id                   1 
_pdbx_struct_assembly.details              author_and_software_defined_assembly 
_pdbx_struct_assembly.method_details       PISA 
_pdbx_struct_assembly.oligomeric_details   dimeric 
_pdbx_struct_assembly.oligomeric_count     2 
# 
loop_
_pdbx_struct_assembly_prop.biol_id 
_pdbx_struct_assembly_prop.type 
_pdbx_struct_assembly_prop.value 
_pdbx_struct_assembly_prop.details 
1 'ABSA (A^2)' 4180 ? 
1 MORE         -32  ? 
1 'SSA (A^2)'  9240 ? 
# 
_pdbx_struct_assembly_gen.assembly_id       1 
_pdbx_struct_assembly_gen.oper_expression   1,2 
_pdbx_struct_assembly_gen.asym_id_list      A,B 
# 
loop_
_pdbx_struct_oper_list.id 
_pdbx_struct_oper_list.type 
_pdbx_struct_oper_list.name 
_pdbx_struct_oper_list.symmetry_operation 
_pdbx_struct_oper_list.matrix[1][1] 
_pdbx_struct_oper_list.matrix[1][2] 
_pdbx_struct_oper_list.matrix[1][3] 
_pdbx_struct_oper_list.vector[1] 
_pdbx_struct_oper_list.matrix[2][1] 
_pdbx_struct_oper_list.matrix[2][2] 
_pdbx_struct_oper_list.matrix[2][3] 
_pdbx_struct_oper_list.vector[2] 
_pdbx_struct_oper_list.matrix[3][1] 
_pdbx_struct_oper_list.matrix[3][2] 
_pdbx_struct_oper_list.matrix[3][3] 
_pdbx_struct_oper_list.vector[3] 
1 'identity operation'         1_555 x,y,z       1.0000000000 0.0000000000  0.0000000000  0.0000000000  0.0000000000  1.0000000000  0.0000000000 0.0000000000  0.0000000000  0.0000000000 1.0000000000  0.0000000000 
2 'crystal symmetry operation' 4_875 -x+3,-y+2,z 0.1335583021 -0.9789897190 -0.1540821537 -7.4405999989 -0.9789897190 -0.1545023595 0.1330719771 -8.6830920826 -0.1540821537 0.1330719771 -0.9790559426 0.4303157410 
# 
loop_
_struct_conf.conf_type_id 
_struct_conf.id 
_struct_conf.pdbx_PDB_helix_id 
_struct_conf.beg_label_comp_id 
_struct_conf.beg_label_asym_id 
_struct_conf.beg_label_seq_id 
_struct_conf.pdbx_beg_PDB_ins_code 
_struct_conf.end_label_comp_id 
_struct_conf.end_label_asym_id 
_struct_conf.end_label_seq_id 
_struct_conf.pdbx_end_PDB_ins_code 
_struct_conf.beg_auth_comp_id 
_struct_conf.beg_auth_asym_id 
_struct_conf.beg_auth_seq_id 
_struct_conf.end_auth_comp_id 
_struct_conf.end_auth_asym_id 
_struct_conf.end_auth_seq_id 
_struct_conf.pdbx_PDB_helix_class 
_struct_conf.details 
_struct_conf.pdbx_PDB_helix_length 
HELX_P HELX_P1 AA1 LEU A 11 ? GLU A 13 ? LEU D 11 GLU D 13 5 ? 3  
HELX_P HELX_P2 AA2 ILE A 14 ? SER A 49 ? ILE D 14 SER D 49 1 ? 36 
HELX_P HELX_P3 AA3 ASP A 55 ? SER A 67 ? ASP D 55 SER D 67 1 ? 13 
HELX_P HELX_P4 AA4 GLY A 70 ? GLY A 84 ? GLY D 70 GLY D 84 1 ? 15 
# 
_struct_conf_type.id          HELX_P 
_struct_conf_type.criteria    ? 
_struct_conf_type.reference   ? 
# 
loop_
_pdbx_validate_close_contact.id 
_pdbx_validate_close_contact.PDB_model_num 
_pdbx_validate_close_contact.auth_atom_id_1 
_pdbx_validate_close_contact.auth_asym_id_1 
_pdbx_validate_close_contact.auth_comp_id_1 
_pdbx_validate_close_contact.auth_seq_id_1 
_pdbx_validate_close_contact.PDB_ins_code_1 
_pdbx_validate_close_contact.label_alt_id_1 
_pdbx_validate_close_contact.auth_atom_id_2 
_pdbx_validate_close_contact.auth_asym_id_2 
_pdbx_validate_close_contact.auth_comp_id_2 
_pdbx_validate_close_contact.auth_seq_id_2 
_pdbx_validate_close_contact.PDB_ins_code_2 
_pdbx_validate_close_contact.label_alt_id_2 
_pdbx_validate_close_contact.dist 
1 1 O D HOH 133 ? ? O D HOH 158 ? ? 1.89 
2 1 O D HOH 161 ? ? O D HOH 165 ? ? 1.95 
3 1 O D HOH 127 ? ? O D HOH 161 ? ? 2.19 
# 
loop_
_pdbx_validate_symm_contact.id 
_pdbx_validate_symm_contact.PDB_model_num 
_pdbx_validate_symm_contact.auth_atom_id_1 
_pdbx_validate_symm_contact.auth_asym_id_1 
_pdbx_validate_symm_contact.auth_comp_id_1 
_pdbx_validate_symm_contact.auth_seq_id_1 
_pdbx_validate_symm_contact.PDB_ins_code_1 
_pdbx_validate_symm_contact.label_alt_id_1 
_pdbx_validate_symm_contact.site_symmetry_1 
_pdbx_validate_symm_contact.auth_atom_id_2 
_pdbx_validate_symm_contact.auth_asym_id_2 
_pdbx_validate_symm_contact.auth_comp_id_2 
_pdbx_validate_symm_contact.auth_seq_id_2 
_pdbx_validate_symm_contact.PDB_ins_code_2 
_pdbx_validate_symm_contact.label_alt_id_2 
_pdbx_validate_symm_contact.site_symmetry_2 
_pdbx_validate_symm_contact.dist 
1 1 O   D HOH 130 ? ? 1_555 O   D HOH 157 ? ? 4_875 1.49 
2 1 O   D HOH 128 ? ? 1_555 O   D HOH 150 ? ? 6_654 1.99 
3 1 OE1 D GLU 27  ? ? 1_555 NH1 D ARG 53  ? B 6_654 2.16 
# 
_pdbx_validate_rmsd_angle.id                         1 
_pdbx_validate_rmsd_angle.PDB_model_num              1 
_pdbx_validate_rmsd_angle.auth_atom_id_1             NE 
_pdbx_validate_rmsd_angle.auth_asym_id_1             D 
_pdbx_validate_rmsd_angle.auth_comp_id_1             ARG 
_pdbx_validate_rmsd_angle.auth_seq_id_1              18 
_pdbx_validate_rmsd_angle.PDB_ins_code_1             ? 
_pdbx_validate_rmsd_angle.label_alt_id_1             ? 
_pdbx_validate_rmsd_angle.auth_atom_id_2             CZ 
_pdbx_validate_rmsd_angle.auth_asym_id_2             D 
_pdbx_validate_rmsd_angle.auth_comp_id_2             ARG 
_pdbx_validate_rmsd_angle.auth_seq_id_2              18 
_pdbx_validate_rmsd_angle.PDB_ins_code_2             ? 
_pdbx_validate_rmsd_angle.label_alt_id_2             ? 
_pdbx_validate_rmsd_angle.auth_atom_id_3             NH2 
_pdbx_validate_rmsd_angle.auth_asym_id_3             D 
_pdbx_validate_rmsd_angle.auth_comp_id_3             ARG 
_pdbx_validate_rmsd_angle.auth_seq_id_3              18 
_pdbx_validate_rmsd_angle.PDB_ins_code_3             ? 
_pdbx_validate_rmsd_angle.label_alt_id_3             ? 
_pdbx_validate_rmsd_angle.angle_value                117.07 
_pdbx_validate_rmsd_angle.angle_target_value         120.30 
_pdbx_validate_rmsd_angle.angle_deviation            -3.23 
_pdbx_validate_rmsd_angle.angle_standard_deviation   0.50 
_pdbx_validate_rmsd_angle.linker_flag                N 
# 
loop_
_pdbx_unobs_or_zero_occ_residues.id 
_pdbx_unobs_or_zero_occ_residues.PDB_model_num 
_pdbx_unobs_or_zero_occ_residues.polymer_flag 
_pdbx_unobs_or_zero_occ_residues.occupancy_flag 
_pdbx_unobs_or_zero_occ_residues.auth_asym_id 
_pdbx_unobs_or_zero_occ_residues.auth_comp_id 
_pdbx_unobs_or_zero_occ_residues.auth_seq_id 
_pdbx_unobs_or_zero_occ_residues.PDB_ins_code 
_pdbx_unobs_or_zero_occ_residues.label_asym_id 
_pdbx_unobs_or_zero_occ_residues.label_comp_id 
_pdbx_unobs_or_zero_occ_residues.label_seq_id 
1  1 Y 1 D MET 1  ? A MET 1  
2  1 Y 1 D ASN 2  ? A ASN 2  
3  1 Y 1 D LEU 3  ? A LEU 3  
4  1 Y 1 D GLU 4  ? A GLU 4  
5  1 Y 1 D MET 5  ? A MET 5  
6  1 Y 1 D LEU 6  ? A LEU 6  
7  1 Y 1 D GLU 7  ? A GLU 7  
8  1 Y 1 D SER 8  ? A SER 8  
9  1 Y 1 D GLN 9  ? A GLN 9  
10 1 Y 1 D PRO 10 ? A PRO 10 
11 1 Y 1 D ALA 89 ? A ALA 89 
12 1 Y 1 D MET 90 ? A MET 90 
# 
loop_
_chem_comp_atom.comp_id 
_chem_comp_atom.atom_id 
_chem_comp_atom.type_symbol 
_chem_comp_atom.pdbx_aromatic_flag 
_chem_comp_atom.pdbx_stereo_config 
_chem_comp_atom.pdbx_ordinal 
ALA N    N N N 1   
ALA CA   C N S 2   
ALA C    C N N 3   
ALA O    O N N 4   
ALA CB   C N N 5   
ALA OXT  O N N 6   
ALA H    H N N 7   
ALA H2   H N N 8   
ALA HA   H N N 9   
ALA HB1  H N N 10  
ALA HB2  H N N 11  
ALA HB3  H N N 12  
ALA HXT  H N N 13  
ARG N    N N N 14  
ARG CA   C N S 15  
ARG C    C N N 16  
ARG O    O N N 17  
ARG CB   C N N 18  
ARG CG   C N N 19  
ARG CD   C N N 20  
ARG NE   N N N 21  
ARG CZ   C N N 22  
ARG NH1  N N N 23  
ARG NH2  N N N 24  
ARG OXT  O N N 25  
ARG H    H N N 26  
ARG H2   H N N 27  
ARG HA   H N N 28  
ARG HB2  H N N 29  
ARG HB3  H N N 30  
ARG HG2  H N N 31  
ARG HG3  H N N 32  
ARG HD2  H N N 33  
ARG HD3  H N N 34  
ARG HE   H N N 35  
ARG HH11 H N N 36  
ARG HH12 H N N 37  
ARG HH21 H N N 38  
ARG HH22 H N N 39  
ARG HXT  H N N 40  
ASN N    N N N 41  
ASN CA   C N S 42  
ASN C    C N N 43  
ASN O    O N N 44  
ASN CB   C N N 45  
ASN CG   C N N 46  
ASN OD1  O N N 47  
ASN ND2  N N N 48  
ASN OXT  O N N 49  
ASN H    H N N 50  
ASN H2   H N N 51  
ASN HA   H N N 52  
ASN HB2  H N N 53  
ASN HB3  H N N 54  
ASN HD21 H N N 55  
ASN HD22 H N N 56  
ASN HXT  H N N 57  
ASP N    N N N 58  
ASP CA   C N S 59  
ASP C    C N N 60  
ASP O    O N N 61  
ASP CB   C N N 62  
ASP CG   C N N 63  
ASP OD1  O N N 64  
ASP OD2  O N N 65  
ASP OXT  O N N 66  
ASP H    H N N 67  
ASP H2   H N N 68  
ASP HA   H N N 69  
ASP HB2  H N N 70  
ASP HB3  H N N 71  
ASP HD2  H N N 72  
ASP HXT  H N N 73  
GLN N    N N N 74  
GLN CA   C N S 75  
GLN C    C N N 76  
GLN O    O N N 77  
GLN CB   C N N 78  
GLN CG   C N N 79  
GLN CD   C N N 80  
GLN OE1  O N N 81  
GLN NE2  N N N 82  
GLN OXT  O N N 83  
GLN H    H N N 84  
GLN H2   H N N 85  
GLN HA   H N N 86  
GLN HB2  H N N 87  
GLN HB3  H N N 88  
GLN HG2  H N N 89  
GLN HG3  H N N 90  
GLN HE21 H N N 91  
GLN HE22 H N N 92  
GLN HXT  H N N 93  
GLU N    N N N 94  
GLU CA   C N S 95  
GLU C    C N N 96  
GLU O    O N N 97  
GLU CB   C N N 98  
GLU CG   C N N 99  
GLU CD   C N N 100 
GLU OE1  O N N 101 
GLU OE2  O N N 102 
GLU OXT  O N N 103 
GLU H    H N N 104 
GLU H2   H N N 105 
GLU HA   H N N 106 
GLU HB2  H N N 107 
GLU HB3  H N N 108 
GLU HG2  H N N 109 
GLU HG3  H N N 110 
GLU HE2  H N N 111 
GLU HXT  H N N 112 
GLY N    N N N 113 
GLY CA   C N N 114 
GLY C    C N N 115 
GLY O    O N N 116 
GLY OXT  O N N 117 
GLY H    H N N 118 
GLY H2   H N N 119 
GLY HA2  H N N 120 
GLY HA3  H N N 121 
GLY HXT  H N N 122 
HIS N    N N N 123 
HIS CA   C N S 124 
HIS C    C N N 125 
HIS O    O N N 126 
HIS CB   C N N 127 
HIS CG   C Y N 128 
HIS ND1  N Y N 129 
HIS CD2  C Y N 130 
HIS CE1  C Y N 131 
HIS NE2  N Y N 132 
HIS OXT  O N N 133 
HIS H    H N N 134 
HIS H2   H N N 135 
HIS HA   H N N 136 
HIS HB2  H N N 137 
HIS HB3  H N N 138 
HIS HD1  H N N 139 
HIS HD2  H N N 140 
HIS HE1  H N N 141 
HIS HE2  H N N 142 
HIS HXT  H N N 143 
HOH O    O N N 144 
HOH H1   H N N 145 
HOH H2   H N N 146 
ILE N    N N N 147 
ILE CA   C N S 148 
ILE C    C N N 149 
ILE O    O N N 150 
ILE CB   C N S 151 
ILE CG1  C N N 152 
ILE CG2  C N N 153 
ILE CD1  C N N 154 
ILE OXT  O N N 155 
ILE H    H N N 156 
ILE H2   H N N 157 
ILE HA   H N N 158 
ILE HB   H N N 159 
ILE HG12 H N N 160 
ILE HG13 H N N 161 
ILE HG21 H N N 162 
ILE HG22 H N N 163 
ILE HG23 H N N 164 
ILE HD11 H N N 165 
ILE HD12 H N N 166 
ILE HD13 H N N 167 
ILE HXT  H N N 168 
LEU N    N N N 169 
LEU CA   C N S 170 
LEU C    C N N 171 
LEU O    O N N 172 
LEU CB   C N N 173 
LEU CG   C N N 174 
LEU CD1  C N N 175 
LEU CD2  C N N 176 
LEU OXT  O N N 177 
LEU H    H N N 178 
LEU H2   H N N 179 
LEU HA   H N N 180 
LEU HB2  H N N 181 
LEU HB3  H N N 182 
LEU HG   H N N 183 
LEU HD11 H N N 184 
LEU HD12 H N N 185 
LEU HD13 H N N 186 
LEU HD21 H N N 187 
LEU HD22 H N N 188 
LEU HD23 H N N 189 
LEU HXT  H N N 190 
LYS N    N N N 191 
LYS CA   C N S 192 
LYS C    C N N 193 
LYS O    O N N 194 
LYS CB   C N N 195 
LYS CG   C N N 196 
LYS CD   C N N 197 
LYS CE   C N N 198 
LYS NZ   N N N 199 
LYS OXT  O N N 200 
LYS H    H N N 201 
LYS H2   H N N 202 
LYS HA   H N N 203 
LYS HB2  H N N 204 
LYS HB3  H N N 205 
LYS HG2  H N N 206 
LYS HG3  H N N 207 
LYS HD2  H N N 208 
LYS HD3  H N N 209 
LYS HE2  H N N 210 
LYS HE3  H N N 211 
LYS HZ1  H N N 212 
LYS HZ2  H N N 213 
LYS HZ3  H N N 214 
LYS HXT  H N N 215 
MET N    N N N 216 
MET CA   C N S 217 
MET C    C N N 218 
MET O    O N N 219 
MET CB   C N N 220 
MET CG   C N N 221 
MET SD   S N N 222 
MET CE   C N N 223 
MET OXT  O N N 224 
MET H    H N N 225 
MET H2   H N N 226 
MET HA   H N N 227 
MET HB2  H N N 228 
MET HB3  H N N 229 
MET HG2  H N N 230 
MET HG3  H N N 231 
MET HE1  H N N 232 
MET HE2  H N N 233 
MET HE3  H N N 234 
MET HXT  H N N 235 
PRO N    N N N 236 
PRO CA   C N S 237 
PRO C    C N N 238 
PRO O    O N N 239 
PRO CB   C N N 240 
PRO CG   C N N 241 
PRO CD   C N N 242 
PRO OXT  O N N 243 
PRO H    H N N 244 
PRO HA   H N N 245 
PRO HB2  H N N 246 
PRO HB3  H N N 247 
PRO HG2  H N N 248 
PRO HG3  H N N 249 
PRO HD2  H N N 250 
PRO HD3  H N N 251 
PRO HXT  H N N 252 
SER N    N N N 253 
SER CA   C N S 254 
SER C    C N N 255 
SER O    O N N 256 
SER CB   C N N 257 
SER OG   O N N 258 
SER OXT  O N N 259 
SER H    H N N 260 
SER H2   H N N 261 
SER HA   H N N 262 
SER HB2  H N N 263 
SER HB3  H N N 264 
SER HG   H N N 265 
SER HXT  H N N 266 
THR N    N N N 267 
THR CA   C N S 268 
THR C    C N N 269 
THR O    O N N 270 
THR CB   C N R 271 
THR OG1  O N N 272 
THR CG2  C N N 273 
THR OXT  O N N 274 
THR H    H N N 275 
THR H2   H N N 276 
THR HA   H N N 277 
THR HB   H N N 278 
THR HG1  H N N 279 
THR HG21 H N N 280 
THR HG22 H N N 281 
THR HG23 H N N 282 
THR HXT  H N N 283 
TYR N    N N N 284 
TYR CA   C N S 285 
TYR C    C N N 286 
TYR O    O N N 287 
TYR CB   C N N 288 
TYR CG   C Y N 289 
TYR CD1  C Y N 290 
TYR CD2  C Y N 291 
TYR CE1  C Y N 292 
TYR CE2  C Y N 293 
TYR CZ   C Y N 294 
TYR OH   O N N 295 
TYR OXT  O N N 296 
TYR H    H N N 297 
TYR H2   H N N 298 
TYR HA   H N N 299 
TYR HB2  H N N 300 
TYR HB3  H N N 301 
TYR HD1  H N N 302 
TYR HD2  H N N 303 
TYR HE1  H N N 304 
TYR HE2  H N N 305 
TYR HH   H N N 306 
TYR HXT  H N N 307 
VAL N    N N N 308 
VAL CA   C N S 309 
VAL C    C N N 310 
VAL O    O N N 311 
VAL CB   C N N 312 
VAL CG1  C N N 313 
VAL CG2  C N N 314 
VAL OXT  O N N 315 
VAL H    H N N 316 
VAL H2   H N N 317 
VAL HA   H N N 318 
VAL HB   H N N 319 
VAL HG11 H N N 320 
VAL HG12 H N N 321 
VAL HG13 H N N 322 
VAL HG21 H N N 323 
VAL HG22 H N N 324 
VAL HG23 H N N 325 
VAL HXT  H N N 326 
# 
loop_
_chem_comp_bond.comp_id 
_chem_comp_bond.atom_id_1 
_chem_comp_bond.atom_id_2 
_chem_comp_bond.value_order 
_chem_comp_bond.pdbx_aromatic_flag 
_chem_comp_bond.pdbx_stereo_config 
_chem_comp_bond.pdbx_ordinal 
ALA N   CA   sing N N 1   
ALA N   H    sing N N 2   
ALA N   H2   sing N N 3   
ALA CA  C    sing N N 4   
ALA CA  CB   sing N N 5   
ALA CA  HA   sing N N 6   
ALA C   O    doub N N 7   
ALA C   OXT  sing N N 8   
ALA CB  HB1  sing N N 9   
ALA CB  HB2  sing N N 10  
ALA CB  HB3  sing N N 11  
ALA OXT HXT  sing N N 12  
ARG N   CA   sing N N 13  
ARG N   H    sing N N 14  
ARG N   H2   sing N N 15  
ARG CA  C    sing N N 16  
ARG CA  CB   sing N N 17  
ARG CA  HA   sing N N 18  
ARG C   O    doub N N 19  
ARG C   OXT  sing N N 20  
ARG CB  CG   sing N N 21  
ARG CB  HB2  sing N N 22  
ARG CB  HB3  sing N N 23  
ARG CG  CD   sing N N 24  
ARG CG  HG2  sing N N 25  
ARG CG  HG3  sing N N 26  
ARG CD  NE   sing N N 27  
ARG CD  HD2  sing N N 28  
ARG CD  HD3  sing N N 29  
ARG NE  CZ   sing N N 30  
ARG NE  HE   sing N N 31  
ARG CZ  NH1  sing N N 32  
ARG CZ  NH2  doub N N 33  
ARG NH1 HH11 sing N N 34  
ARG NH1 HH12 sing N N 35  
ARG NH2 HH21 sing N N 36  
ARG NH2 HH22 sing N N 37  
ARG OXT HXT  sing N N 38  
ASN N   CA   sing N N 39  
ASN N   H    sing N N 40  
ASN N   H2   sing N N 41  
ASN CA  C    sing N N 42  
ASN CA  CB   sing N N 43  
ASN CA  HA   sing N N 44  
ASN C   O    doub N N 45  
ASN C   OXT  sing N N 46  
ASN CB  CG   sing N N 47  
ASN CB  HB2  sing N N 48  
ASN CB  HB3  sing N N 49  
ASN CG  OD1  doub N N 50  
ASN CG  ND2  sing N N 51  
ASN ND2 HD21 sing N N 52  
ASN ND2 HD22 sing N N 53  
ASN OXT HXT  sing N N 54  
ASP N   CA   sing N N 55  
ASP N   H    sing N N 56  
ASP N   H2   sing N N 57  
ASP CA  C    sing N N 58  
ASP CA  CB   sing N N 59  
ASP CA  HA   sing N N 60  
ASP C   O    doub N N 61  
ASP C   OXT  sing N N 62  
ASP CB  CG   sing N N 63  
ASP CB  HB2  sing N N 64  
ASP CB  HB3  sing N N 65  
ASP CG  OD1  doub N N 66  
ASP CG  OD2  sing N N 67  
ASP OD2 HD2  sing N N 68  
ASP OXT HXT  sing N N 69  
GLN N   CA   sing N N 70  
GLN N   H    sing N N 71  
GLN N   H2   sing N N 72  
GLN CA  C    sing N N 73  
GLN CA  CB   sing N N 74  
GLN CA  HA   sing N N 75  
GLN C   O    doub N N 76  
GLN C   OXT  sing N N 77  
GLN CB  CG   sing N N 78  
GLN CB  HB2  sing N N 79  
GLN CB  HB3  sing N N 80  
GLN CG  CD   sing N N 81  
GLN CG  HG2  sing N N 82  
GLN CG  HG3  sing N N 83  
GLN CD  OE1  doub N N 84  
GLN CD  NE2  sing N N 85  
GLN NE2 HE21 sing N N 86  
GLN NE2 HE22 sing N N 87  
GLN OXT HXT  sing N N 88  
GLU N   CA   sing N N 89  
GLU N   H    sing N N 90  
GLU N   H2   sing N N 91  
GLU CA  C    sing N N 92  
GLU CA  CB   sing N N 93  
GLU CA  HA   sing N N 94  
GLU C   O    doub N N 95  
GLU C   OXT  sing N N 96  
GLU CB  CG   sing N N 97  
GLU CB  HB2  sing N N 98  
GLU CB  HB3  sing N N 99  
GLU CG  CD   sing N N 100 
GLU CG  HG2  sing N N 101 
GLU CG  HG3  sing N N 102 
GLU CD  OE1  doub N N 103 
GLU CD  OE2  sing N N 104 
GLU OE2 HE2  sing N N 105 
GLU OXT HXT  sing N N 106 
GLY N   CA   sing N N 107 
GLY N   H    sing N N 108 
GLY N   H2   sing N N 109 
GLY CA  C    sing N N 110 
GLY CA  HA2  sing N N 111 
GLY CA  HA3  sing N N 112 
GLY C   O    doub N N 113 
GLY C   OXT  sing N N 114 
GLY OXT HXT  sing N N 115 
HIS N   CA   sing N N 116 
HIS N   H    sing N N 117 
HIS N   H2   sing N N 118 
HIS CA  C    sing N N 119 
HIS CA  CB   sing N N 120 
HIS CA  HA   sing N N 121 
HIS C   O    doub N N 122 
HIS C   OXT  sing N N 123 
HIS CB  CG   sing N N 124 
HIS CB  HB2  sing N N 125 
HIS CB  HB3  sing N N 126 
HIS CG  ND1  sing Y N 127 
HIS CG  CD2  doub Y N 128 
HIS ND1 CE1  doub Y N 129 
HIS ND1 HD1  sing N N 130 
HIS CD2 NE2  sing Y N 131 
HIS CD2 HD2  sing N N 132 
HIS CE1 NE2  sing Y N 133 
HIS CE1 HE1  sing N N 134 
HIS NE2 HE2  sing N N 135 
HIS OXT HXT  sing N N 136 
HOH O   H1   sing N N 137 
HOH O   H2   sing N N 138 
ILE N   CA   sing N N 139 
ILE N   H    sing N N 140 
ILE N   H2   sing N N 141 
ILE CA  C    sing N N 142 
ILE CA  CB   sing N N 143 
ILE CA  HA   sing N N 144 
ILE C   O    doub N N 145 
ILE C   OXT  sing N N 146 
ILE CB  CG1  sing N N 147 
ILE CB  CG2  sing N N 148 
ILE CB  HB   sing N N 149 
ILE CG1 CD1  sing N N 150 
ILE CG1 HG12 sing N N 151 
ILE CG1 HG13 sing N N 152 
ILE CG2 HG21 sing N N 153 
ILE CG2 HG22 sing N N 154 
ILE CG2 HG23 sing N N 155 
ILE CD1 HD11 sing N N 156 
ILE CD1 HD12 sing N N 157 
ILE CD1 HD13 sing N N 158 
ILE OXT HXT  sing N N 159 
LEU N   CA   sing N N 160 
LEU N   H    sing N N 161 
LEU N   H2   sing N N 162 
LEU CA  C    sing N N 163 
LEU CA  CB   sing N N 164 
LEU CA  HA   sing N N 165 
LEU C   O    doub N N 166 
LEU C   OXT  sing N N 167 
LEU CB  CG   sing N N 168 
LEU CB  HB2  sing N N 169 
LEU CB  HB3  sing N N 170 
LEU CG  CD1  sing N N 171 
LEU CG  CD2  sing N N 172 
LEU CG  HG   sing N N 173 
LEU CD1 HD11 sing N N 174 
LEU CD1 HD12 sing N N 175 
LEU CD1 HD13 sing N N 176 
LEU CD2 HD21 sing N N 177 
LEU CD2 HD22 sing N N 178 
LEU CD2 HD23 sing N N 179 
LEU OXT HXT  sing N N 180 
LYS N   CA   sing N N 181 
LYS N   H    sing N N 182 
LYS N   H2   sing N N 183 
LYS CA  C    sing N N 184 
LYS CA  CB   sing N N 185 
LYS CA  HA   sing N N 186 
LYS C   O    doub N N 187 
LYS C   OXT  sing N N 188 
LYS CB  CG   sing N N 189 
LYS CB  HB2  sing N N 190 
LYS CB  HB3  sing N N 191 
LYS CG  CD   sing N N 192 
LYS CG  HG2  sing N N 193 
LYS CG  HG3  sing N N 194 
LYS CD  CE   sing N N 195 
LYS CD  HD2  sing N N 196 
LYS CD  HD3  sing N N 197 
LYS CE  NZ   sing N N 198 
LYS CE  HE2  sing N N 199 
LYS CE  HE3  sing N N 200 
LYS NZ  HZ1  sing N N 201 
LYS NZ  HZ2  sing N N 202 
LYS NZ  HZ3  sing N N 203 
LYS OXT HXT  sing N N 204 
MET N   CA   sing N N 205 
MET N   H    sing N N 206 
MET N   H2   sing N N 207 
MET CA  C    sing N N 208 
MET CA  CB   sing N N 209 
MET CA  HA   sing N N 210 
MET C   O    doub N N 211 
MET C   OXT  sing N N 212 
MET CB  CG   sing N N 213 
MET CB  HB2  sing N N 214 
MET CB  HB3  sing N N 215 
MET CG  SD   sing N N 216 
MET CG  HG2  sing N N 217 
MET CG  HG3  sing N N 218 
MET SD  CE   sing N N 219 
MET CE  HE1  sing N N 220 
MET CE  HE2  sing N N 221 
MET CE  HE3  sing N N 222 
MET OXT HXT  sing N N 223 
PRO N   CA   sing N N 224 
PRO N   CD   sing N N 225 
PRO N   H    sing N N 226 
PRO CA  C    sing N N 227 
PRO CA  CB   sing N N 228 
PRO CA  HA   sing N N 229 
PRO C   O    doub N N 230 
PRO C   OXT  sing N N 231 
PRO CB  CG   sing N N 232 
PRO CB  HB2  sing N N 233 
PRO CB  HB3  sing N N 234 
PRO CG  CD   sing N N 235 
PRO CG  HG2  sing N N 236 
PRO CG  HG3  sing N N 237 
PRO CD  HD2  sing N N 238 
PRO CD  HD3  sing N N 239 
PRO OXT HXT  sing N N 240 
SER N   CA   sing N N 241 
SER N   H    sing N N 242 
SER N   H2   sing N N 243 
SER CA  C    sing N N 244 
SER CA  CB   sing N N 245 
SER CA  HA   sing N N 246 
SER C   O    doub N N 247 
SER C   OXT  sing N N 248 
SER CB  OG   sing N N 249 
SER CB  HB2  sing N N 250 
SER CB  HB3  sing N N 251 
SER OG  HG   sing N N 252 
SER OXT HXT  sing N N 253 
THR N   CA   sing N N 254 
THR N   H    sing N N 255 
THR N   H2   sing N N 256 
THR CA  C    sing N N 257 
THR CA  CB   sing N N 258 
THR CA  HA   sing N N 259 
THR C   O    doub N N 260 
THR C   OXT  sing N N 261 
THR CB  OG1  sing N N 262 
THR CB  CG2  sing N N 263 
THR CB  HB   sing N N 264 
THR OG1 HG1  sing N N 265 
THR CG2 HG21 sing N N 266 
THR CG2 HG22 sing N N 267 
THR CG2 HG23 sing N N 268 
THR OXT HXT  sing N N 269 
TYR N   CA   sing N N 270 
TYR N   H    sing N N 271 
TYR N   H2   sing N N 272 
TYR CA  C    sing N N 273 
TYR CA  CB   sing N N 274 
TYR CA  HA   sing N N 275 
TYR C   O    doub N N 276 
TYR C   OXT  sing N N 277 
TYR CB  CG   sing N N 278 
TYR CB  HB2  sing N N 279 
TYR CB  HB3  sing N N 280 
TYR CG  CD1  doub Y N 281 
TYR CG  CD2  sing Y N 282 
TYR CD1 CE1  sing Y N 283 
TYR CD1 HD1  sing N N 284 
TYR CD2 CE2  doub Y N 285 
TYR CD2 HD2  sing N N 286 
TYR CE1 CZ   doub Y N 287 
TYR CE1 HE1  sing N N 288 
TYR CE2 CZ   sing Y N 289 
TYR CE2 HE2  sing N N 290 
TYR CZ  OH   sing N N 291 
TYR OH  HH   sing N N 292 
TYR OXT HXT  sing N N 293 
VAL N   CA   sing N N 294 
VAL N   H    sing N N 295 
VAL N   H2   sing N N 296 
VAL CA  C    sing N N 297 
VAL CA  CB   sing N N 298 
VAL CA  HA   sing N N 299 
VAL C   O    doub N N 300 
VAL C   OXT  sing N N 301 
VAL CB  CG1  sing N N 302 
VAL CB  CG2  sing N N 303 
VAL CB  HB   sing N N 304 
VAL CG1 HG11 sing N N 305 
VAL CG1 HG12 sing N N 306 
VAL CG1 HG13 sing N N 307 
VAL CG2 HG21 sing N N 308 
VAL CG2 HG22 sing N N 309 
VAL CG2 HG23 sing N N 310 
VAL OXT HXT  sing N N 311 
# 
_pdbx_initial_refinement_model.id               1 
_pdbx_initial_refinement_model.entity_id_list   ? 
_pdbx_initial_refinement_model.type             'experimental model' 
_pdbx_initial_refinement_model.source_name      PDB 
_pdbx_initial_refinement_model.accession_code   2W1A 
_pdbx_initial_refinement_model.details          ? 
# 
_atom_sites.entry_id                    5MPV 
_atom_sites.fract_transf_matrix[1][1]   -0.00998072 
_atom_sites.fract_transf_matrix[1][2]   -0.00898416 
_atom_sites.fract_transf_matrix[1][3]   -0.01634408 
_atom_sites.fract_transf_matrix[2][1]   -0.01339716 
_atom_sites.fract_transf_matrix[2][2]   -0.01603255 
_atom_sites.fract_transf_matrix[2][3]   0.00330498 
_atom_sites.fract_transf_matrix[3][1]   -0.01190929 
_atom_sites.fract_transf_matrix[3][2]   0.01028538 
_atom_sites.fract_transf_matrix[3][3]   0.00161880 
_atom_sites.fract_transf_vector[1]      1.427374 
_atom_sites.fract_transf_vector[2]      0.879823 
_atom_sites.fract_transf_vector[3]      0.881984 
# 
loop_
_atom_type.symbol 
C 
N 
O 
S 
# 
loop_
_atom_site.group_PDB 
_atom_site.id 
_atom_site.type_symbol 
_atom_site.label_atom_id 
_atom_site.label_alt_id 
_atom_site.label_comp_id 
_atom_site.label_asym_id 
_atom_site.label_entity_id 
_atom_site.label_seq_id 
_atom_site.pdbx_PDB_ins_code 
_atom_site.Cartn_x 
_atom_site.Cartn_y 
_atom_site.Cartn_z 
_atom_site.occupancy 
_atom_site.B_iso_or_equiv 
_atom_site.pdbx_formal_charge 
_atom_site.auth_seq_id 
_atom_site.auth_comp_id 
_atom_site.auth_asym_id 
_atom_site.auth_atom_id 
_atom_site.pdbx_PDB_model_num 
ATOM   1   N N   . LEU A 1 11 ? -18.460 -25.782 4.577   1.00 90.93  ? 11  LEU D N   1 
ATOM   2   C CA  . LEU A 1 11 ? -18.136 -26.691 3.429   1.00 98.97  ? 11  LEU D CA  1 
ATOM   3   C C   . LEU A 1 11 ? -16.801 -27.429 3.700   1.00 99.31  ? 11  LEU D C   1 
ATOM   4   O O   . LEU A 1 11 ? -15.830 -26.801 4.108   1.00 106.22 ? 11  LEU D O   1 
ATOM   5   C CB  . LEU A 1 11 ? -18.090 -25.925 2.081   1.00 96.55  ? 11  LEU D CB  1 
ATOM   6   C CG  . LEU A 1 11 ? -19.399 -25.434 1.409   1.00 98.62  ? 11  LEU D CG  1 
ATOM   7   C CD1 . LEU A 1 11 ? -20.065 -24.350 2.244   1.00 99.05  ? 11  LEU D CD1 1 
ATOM   8   C CD2 . LEU A 1 11 ? -19.216 -24.923 -0.025  1.00 99.15  ? 11  LEU D CD2 1 
ATOM   9   N N   . PRO A 1 12 ? -16.767 -28.768 3.522   1.00 105.81 ? 12  PRO D N   1 
ATOM   10  C CA  . PRO A 1 12 ? -15.482 -29.476 3.672   1.00 99.69  ? 12  PRO D CA  1 
ATOM   11  C C   . PRO A 1 12 ? -14.485 -29.192 2.549   1.00 86.88  ? 12  PRO D C   1 
ATOM   12  O O   . PRO A 1 12 ? -13.279 -29.163 2.797   1.00 73.02  ? 12  PRO D O   1 
ATOM   13  C CB  . PRO A 1 12 ? -15.879 -30.969 3.649   1.00 110.21 ? 12  PRO D CB  1 
ATOM   14  C CG  . PRO A 1 12 ? -17.352 -31.001 3.873   1.00 115.27 ? 12  PRO D CG  1 
ATOM   15  C CD  . PRO A 1 12 ? -17.889 -29.711 3.327   1.00 112.80 ? 12  PRO D CD  1 
ATOM   16  N N   . GLU A 1 13 ? -14.997 -29.004 1.327   1.00 73.64  ? 13  GLU D N   1 
ATOM   17  C CA  . GLU A 1 13 ? -14.152 -28.780 0.157   1.00 74.07  ? 13  GLU D CA  1 
ATOM   18  C C   . GLU A 1 13 ? -13.538 -27.379 0.067   1.00 68.90  ? 13  GLU D C   1 
ATOM   19  O O   . GLU A 1 13 ? -12.889 -27.131 -0.902  1.00 61.18  ? 13  GLU D O   1 
ATOM   20  C CB  . GLU A 1 13 ? -14.937 -29.089 -1.141  1.00 91.62  ? 13  GLU D CB  1 
ATOM   21  C CG  . GLU A 1 13 ? -15.964 -28.041 -1.623  1.00 94.30  ? 13  GLU D CG  1 
ATOM   22  C CD  . GLU A 1 13 ? -17.347 -28.161 -0.983  1.00 101.49 ? 13  GLU D CD  1 
ATOM   23  O OE1 . GLU A 1 13 ? -18.317 -27.670 -1.597  1.00 97.75  ? 13  GLU D OE1 1 
ATOM   24  O OE2 . GLU A 1 13 ? -17.478 -28.731 0.129   1.00 106.65 ? 13  GLU D OE2 1 
ATOM   25  N N   . ILE A 1 14 ? -13.810 -26.458 1.019   1.00 55.03  ? 14  ILE D N   1 
ATOM   26  C CA  . ILE A 1 14 ? -13.155 -25.156 1.061   1.00 52.52  ? 14  ILE D CA  1 
ATOM   27  C C   . ILE A 1 14 ? -12.069 -25.023 2.158   1.00 44.97  ? 14  ILE D C   1 
ATOM   28  O O   . ILE A 1 14 ? -11.463 -23.945 2.246   1.00 39.19  ? 14  ILE D O   1 
ATOM   29  C CB  . ILE A 1 14 ? -14.140 -23.916 1.149   1.00 57.05  ? 14  ILE D CB  1 
ATOM   30  C CG1 . ILE A 1 14 ? -14.681 -23.710 2.561   1.00 52.78  ? 14  ILE D CG1 1 
ATOM   31  C CG2 . ILE A 1 14 ? -15.215 -23.909 0.059   1.00 57.02  ? 14  ILE D CG2 1 
ATOM   32  C CD1 . ILE A 1 14 ? -15.557 -22.483 2.614   1.00 61.21  ? 14  ILE D CD1 1 
ATOM   33  N N   . VAL A 1 15 ? -11.825 -26.072 2.972   1.00 39.37  ? 15  VAL D N   1 
ATOM   34  C CA  . VAL A 1 15 ? -10.788 -26.099 4.033   1.00 40.47  ? 15  VAL D CA  1 
ATOM   35  C C   . VAL A 1 15 ? -9.408  -25.699 3.502   1.00 35.64  ? 15  VAL D C   1 
ATOM   36  O O   . VAL A 1 15 ? -8.736  -24.822 4.049   1.00 35.83  ? 15  VAL D O   1 
ATOM   37  C CB  . VAL A 1 15 ? -10.710 -27.492 4.709   1.00 51.41  ? 15  VAL D CB  1 
ATOM   38  C CG1 . VAL A 1 15 ? -9.518  -27.581 5.635   1.00 56.70  ? 15  VAL D CG1 1 
ATOM   39  C CG2 . VAL A 1 15 ? -11.979 -27.774 5.513   1.00 62.14  ? 15  VAL D CG2 1 
ATOM   40  N N   . THR A 1 16 ? -9.007  -26.264 2.380   1.00 37.14  ? 16  THR D N   1 
ATOM   41  C CA  . THR A 1 16 ? -7.667  -25.955 1.811   1.00 36.71  ? 16  THR D CA  1 
ATOM   42  C C   . THR A 1 16 ? -7.645  -24.557 1.166   1.00 37.69  ? 16  THR D C   1 
ATOM   43  O O   . THR A 1 16 ? -6.641  -23.888 1.204   1.00 35.85  ? 16  THR D O   1 
ATOM   44  C CB  . THR A 1 16 ? -7.127  -27.035 0.809   1.00 36.69  ? 16  THR D CB  1 
ATOM   45  O OG1 . THR A 1 16 ? -7.888  -27.027 -0.404  1.00 38.80  ? 16  THR D OG1 1 
ATOM   46  C CG2 . THR A 1 16 ? -7.188  -28.383 1.406   1.00 38.87  ? 16  THR D CG2 1 
ATOM   47  N N   . LEU A 1 17 ? -8.746  -24.126 0.533   1.00 33.11  ? 17  LEU D N   1 
ATOM   48  C CA  . LEU A 1 17 ? -8.840  -22.751 0.036   1.00 35.21  ? 17  LEU D CA  1 
ATOM   49  C C   . LEU A 1 17 ? -8.736  -21.793 1.167   1.00 34.32  ? 17  LEU D C   1 
ATOM   50  O O   . LEU A 1 17 ? -8.048  -20.813 1.023   1.00 32.03  ? 17  LEU D O   1 
ATOM   51  C CB  . LEU A 1 17 ? -10.155 -22.545 -0.733  1.00 37.45  ? 17  LEU D CB  1 
ATOM   52  C CG  . LEU A 1 17 ? -10.332 -23.307 -2.040  1.00 39.80  ? 17  LEU D CG  1 
ATOM   53  C CD1 . LEU A 1 17 ? -11.748 -23.236 -2.581  1.00 43.33  ? 17  LEU D CD1 1 
ATOM   54  C CD2 . LEU A 1 17 ? -9.390  -22.803 -3.065  1.00 42.29  ? 17  LEU D CD2 1 
ATOM   55  N N   . ARG A 1 18 ? -9.353  -22.062 2.295   1.00 31.06  ? 18  ARG D N   1 
ATOM   56  C CA  . ARG A 1 18 ? -9.190  -21.183 3.432   1.00 37.70  ? 18  ARG D CA  1 
ATOM   57  C C   . ARG A 1 18 ? -7.788  -21.136 3.992   1.00 36.99  ? 18  ARG D C   1 
ATOM   58  O O   . ARG A 1 18 ? -7.321  -20.077 4.422   1.00 31.89  ? 18  ARG D O   1 
ATOM   59  C CB  . ARG A 1 18 ? -10.045 -21.618 4.594   1.00 41.23  ? 18  ARG D CB  1 
ATOM   60  C CG  . ARG A 1 18 ? -11.488 -21.336 4.400   1.00 46.18  ? 18  ARG D CG  1 
ATOM   61  C CD  . ARG A 1 18 ? -12.177 -21.754 5.696   1.00 52.14  ? 18  ARG D CD  1 
ATOM   62  N NE  . ARG A 1 18 ? -13.526 -21.279 5.654   1.00 66.69  ? 18  ARG D NE  1 
ATOM   63  C CZ  . ARG A 1 18 ? -14.275 -21.126 6.726   1.00 60.42  ? 18  ARG D CZ  1 
ATOM   64  N NH1 . ARG A 1 18 ? -13.798 -21.381 7.956   1.00 59.39  ? 18  ARG D NH1 1 
ATOM   65  N NH2 . ARG A 1 18 ? -15.484 -20.661 6.546   1.00 60.44  ? 18  ARG D NH2 1 
ATOM   66  N N   . GLU A 1 19 ? -7.105  -22.289 3.994   1.00 30.73  ? 19  GLU D N   1 
ATOM   67  C CA  . GLU A 1 19 ? -5.672  -22.267 4.305   1.00 29.41  ? 19  GLU D CA  1 
ATOM   68  C C   . GLU A 1 19 ? -4.894  -21.332 3.392   1.00 29.94  ? 19  GLU D C   1 
ATOM   69  O O   . GLU A 1 19 ? -4.005  -20.596 3.864   1.00 33.78  ? 19  GLU D O   1 
ATOM   70  C CB  . GLU A 1 19 ? -5.043  -23.672 4.306   1.00 33.79  ? 19  GLU D CB  1 
ATOM   71  C CG  . GLU A 1 19 ? -3.551  -23.682 4.572   1.00 31.91  ? 19  GLU D CG  1 
ATOM   72  C CD  . GLU A 1 19 ? -3.157  -23.371 5.953   1.00 36.68  ? 19  GLU D CD  1 
ATOM   73  O OE1 . GLU A 1 19 ? -3.998  -23.453 6.847   1.00 35.75  ? 19  GLU D OE1 1 
ATOM   74  O OE2 . GLU A 1 19 ? -1.940  -23.107 6.165   1.00 35.92  ? 19  GLU D OE2 1 
ATOM   75  N N   . GLU A 1 20 ? -5.133  -21.422 2.089   1.00 30.98  ? 20  GLU D N   1 
ATOM   76  C CA  . GLU A 1 20 ? -4.407  -20.560 1.195   1.00 30.89  ? 20  GLU D CA  1 
ATOM   77  C C   . GLU A 1 20 ? -4.697  -19.086 1.504   1.00 32.70  ? 20  GLU D C   1 
ATOM   78  O O   . GLU A 1 20 ? -3.781  -18.252 1.496   1.00 32.56  ? 20  GLU D O   1 
ATOM   79  C CB  . GLU A 1 20 ? -4.633  -20.892 -0.264  1.00 31.30  ? 20  GLU D CB  1 
ATOM   80  C CG  . GLU A 1 20 ? -3.754  -20.028 -1.138  1.00 35.17  ? 20  GLU D CG  1 
ATOM   81  C CD  . GLU A 1 20 ? -3.595  -20.465 -2.580  1.00 35.61  ? 20  GLU D CD  1 
ATOM   82  O OE1 . GLU A 1 20 ? -4.207  -21.460 -3.016  1.00 38.60  ? 20  GLU D OE1 1 
ATOM   83  O OE2 . GLU A 1 20 ? -2.843  -19.750 -3.297  1.00 35.27  ? 20  GLU D OE2 1 
ATOM   84  N N   . ILE A 1 21 ? -5.960  -18.747 1.740   1.00 33.68  ? 21  ILE D N   1 
ATOM   85  C CA  . ILE A 1 21 ? -6.235  -17.366 2.153   1.00 30.06  ? 21  ILE D CA  1 
ATOM   86  C C   . ILE A 1 21 ? -5.419  -16.930 3.347   1.00 30.28  ? 21  ILE D C   1 
ATOM   87  O O   . ILE A 1 21 ? -4.863  -15.829 3.390   1.00 33.06  ? 21  ILE D O   1 
ATOM   88  C CB  . ILE A 1 21 ? -7.764  -17.180 2.505   1.00 32.41  ? 21  ILE D CB  1 
ATOM   89  C CG1 . ILE A 1 21 ? -8.645  -17.402 1.261   1.00 33.50  ? 21  ILE D CG1 1 
ATOM   90  C CG2 . ILE A 1 21 ? -8.032  -15.781 3.116   1.00 35.97  ? 21  ILE D CG2 1 
ATOM   91  C CD1 . ILE A 1 21 ? -8.480  -16.390 0.153   1.00 35.09  ? 21  ILE D CD1 1 
ATOM   92  N N   . ASP A 1 22 ? -5.353  -17.759 4.377   1.00 32.03  ? 22  ASP D N   1 
ATOM   93  C CA  . ASP A 1 22 ? -4.612  -17.383 5.548   1.00 33.29  ? 22  ASP D CA  1 
ATOM   94  C C   . ASP A 1 22 ? -3.143  -17.162 5.304   1.00 31.53  ? 22  ASP D C   1 
ATOM   95  O O   . ASP A 1 22 ? -2.548  -16.251 5.901   1.00 31.26  ? 22  ASP D O   1 
ATOM   96  C CB  . ASP A 1 22 ? -4.723  -18.493 6.602   1.00 32.68  ? 22  ASP D CB  1 
ATOM   97  C CG  . ASP A 1 22 ? -6.087  -18.512 7.314   1.00 42.75  ? 22  ASP D CG  1 
ATOM   98  O OD1 . ASP A 1 22 ? -6.912  -17.611 7.078   1.00 40.17  ? 22  ASP D OD1 1 
ATOM   99  O OD2 . ASP A 1 22 ? -6.328  -19.508 8.062   1.00 42.28  ? 22  ASP D OD2 1 
ATOM   100 N N   . ARG A 1 23 ? -2.565  -17.992 4.426   1.00 31.91  ? 23  ARG D N   1 
ATOM   101 C CA  . ARG A 1 23 ? -1.192  -17.806 4.050   1.00 33.70  ? 23  ARG D CA  1 
ATOM   102 C C   . ARG A 1 23 ? -0.945  -16.479 3.252   1.00 33.49  ? 23  ARG D C   1 
ATOM   103 O O   . ARG A 1 23 ? -0.021  -15.748 3.535   1.00 33.38  ? 23  ARG D O   1 
ATOM   104 C CB  . ARG A 1 23 ? -0.692  -19.023 3.228   1.00 35.78  ? 23  ARG D CB  1 
ATOM   105 C CG  . ARG A 1 23 ? -0.539  -20.262 4.121   1.00 32.44  ? 23  ARG D CG  1 
ATOM   106 C CD  . ARG A 1 23 ? -0.023  -21.448 3.321   1.00 36.12  ? 23  ARG D CD  1 
ATOM   107 N NE  . ARG A 1 23 ? -0.033  -22.625 4.170   1.00 33.15  ? 23  ARG D NE  1 
ATOM   108 C CZ  . ARG A 1 23 ? 0.782   -23.676 4.026   1.00 37.53  ? 23  ARG D CZ  1 
ATOM   109 N NH1 . ARG A 1 23 ? 1.652   -23.742 3.039   1.00 36.59  ? 23  ARG D NH1 1 
ATOM   110 N NH2 . ARG A 1 23 ? 0.623   -24.723 4.794   1.00 34.65  ? 23  ARG D NH2 1 
ATOM   111 N N   . LEU A 1 24 ? -1.800  -16.218 2.289   1.00 29.99  ? 24  LEU D N   1 
ATOM   112 C CA  . LEU A 1 24 ? -1.797  -14.988 1.494   1.00 31.18  ? 24  LEU D CA  1 
ATOM   113 C C   . LEU A 1 24 ? -1.923  -13.777 2.408   1.00 33.78  ? 24  LEU D C   1 
ATOM   114 O O   . LEU A 1 24 ? -1.166  -12.796 2.265   1.00 32.56  ? 24  LEU D O   1 
ATOM   115 C CB  . LEU A 1 24 ? -2.882  -15.004 0.370   1.00 34.00  ? 24  LEU D CB  1 
ATOM   116 C CG  . LEU A 1 24 ? -2.665  -16.022 -0.789  1.00 34.71  ? 24  LEU D CG  1 
ATOM   117 C CD1 . LEU A 1 24 ? -3.943  -16.168 -1.581  1.00 34.01  ? 24  LEU D CD1 1 
ATOM   118 C CD2 . LEU A 1 24 ? -1.491  -15.655 -1.683  1.00 35.38  ? 24  LEU D CD2 1 
ATOM   119 N N   . ASP A 1 25 ? -2.831  -13.842 3.386   1.00 33.22  ? 25  ASP D N   1 
ATOM   120 C CA  . ASP A 1 25 ? -2.992  -12.731 4.314   1.00 29.22  ? 25  ASP D CA  1 
ATOM   121 C C   . ASP A 1 25 ? -1.772  -12.511 5.190   1.00 34.63  ? 25  ASP D C   1 
ATOM   122 O O   . ASP A 1 25 ? -1.414  -11.373 5.449   1.00 31.41  ? 25  ASP D O   1 
ATOM   123 C CB  . ASP A 1 25 ? -4.220  -12.937 5.189   1.00 32.28  ? 25  ASP D CB  1 
ATOM   124 C CG  . ASP A 1 25 ? -5.567  -12.686 4.444   1.00 37.06  ? 25  ASP D CG  1 
ATOM   125 O OD1 . ASP A 1 25 ? -5.585  -11.974 3.386   1.00 34.11  ? 25  ASP D OD1 1 
ATOM   126 O OD2 . ASP A 1 25 ? -6.613  -13.192 4.924   1.00 34.08  ? 25  ASP D OD2 1 
ATOM   127 N N   . ALA A 1 26 ? -1.109  -13.556 5.610   1.00 35.20  ? 26  ALA D N   1 
ATOM   128 C CA  . ALA A 1 26 ? 0.125   -13.402 6.358   1.00 33.57  ? 26  ALA D CA  1 
ATOM   129 C C   . ALA A 1 26 ? 1.173   -12.621 5.545   1.00 32.44  ? 26  ALA D C   1 
ATOM   130 O O   . ALA A 1 26 ? 1.842   -11.682 6.081   1.00 32.09  ? 26  ALA D O   1 
ATOM   131 C CB  . ALA A 1 26 ? 0.664   -14.788 6.775   1.00 38.51  ? 26  ALA D CB  1 
ATOM   132 N N   . GLU A 1 27 ? 1.321   -12.972 4.282   1.00 32.28  ? 27  GLU D N   1 
ATOM   133 C CA  . GLU A 1 27 ? 2.283   -12.330 3.410   1.00 35.66  ? 27  GLU D CA  1 
ATOM   134 C C   . GLU A 1 27 ? 1.892   -10.877 3.055   1.00 34.16  ? 27  GLU D C   1 
ATOM   135 O O   . GLU A 1 27 ? 2.739   -10.011 3.007   1.00 33.39  ? 27  GLU D O   1 
ATOM   136 C CB  . GLU A 1 27 ? 2.415   -13.113 2.136   1.00 37.00  ? 27  GLU D CB  1 
ATOM   137 C CG  . GLU A 1 27 ? 3.015   -14.507 2.330   1.00 48.45  ? 27  GLU D CG  1 
ATOM   138 C CD  . GLU A 1 27 ? 3.250   -15.160 0.977   1.00 52.62  ? 27  GLU D CD  1 
ATOM   139 O OE1 . GLU A 1 27 ? 2.578   -16.152 0.587   1.00 62.63  ? 27  GLU D OE1 1 
ATOM   140 O OE2 . GLU A 1 27 ? 4.029   -14.582 0.215   1.00 45.07  ? 27  GLU D OE2 1 
ATOM   141 N N   . ILE A 1 28 ? 0.615   -10.669 2.751   1.00 33.22  ? 28  ILE D N   1 
ATOM   142 C CA  . ILE A 1 28 ? 0.079   -9.311  2.507   1.00 30.23  ? 28  ILE D CA  1 
ATOM   143 C C   . ILE A 1 28 ? 0.350   -8.447  3.670   1.00 30.88  ? 28  ILE D C   1 
ATOM   144 O O   . ILE A 1 28 ? 0.856   -7.325  3.539   1.00 30.23  ? 28  ILE D O   1 
ATOM   145 C CB  . ILE A 1 28 ? -1.441  -9.347  2.102   1.00 32.35  ? 28  ILE D CB  1 
ATOM   146 C CG1 . ILE A 1 28 ? -1.600  -10.006 0.706   1.00 30.58  ? 28  ILE D CG1 1 
ATOM   147 C CG2 . ILE A 1 28 ? -2.025  -7.928  2.134   1.00 32.03  ? 28  ILE D CG2 1 
ATOM   148 C CD1 . ILE A 1 28 ? -3.072  -10.387 0.438   1.00 36.16  ? 28  ILE D CD1 1 
ATOM   149 N N   . LEU A 1 29 ? -0.028  -8.883  4.846   1.00 31.89  ? 29  LEU D N   1 
ATOM   150 C CA  . LEU A 1 29 ? 0.300   -8.043  6.019   1.00 33.09  ? 29  LEU D CA  1 
ATOM   151 C C   . LEU A 1 29 ? 1.761   -7.704  6.275   1.00 35.15  ? 29  LEU D C   1 
ATOM   152 O O   . LEU A 1 29 ? 2.103   -6.547  6.595   1.00 32.97  ? 29  LEU D O   1 
ATOM   153 C CB  . LEU A 1 29 ? -0.274  -8.727  7.277   1.00 38.66  ? 29  LEU D CB  1 
ATOM   154 C CG  . LEU A 1 29 ? -1.773  -8.746  7.446   1.00 44.26  ? 29  LEU D CG  1 
ATOM   155 C CD1 . LEU A 1 29 ? -2.185  -9.839  8.436   1.00 49.42  ? 29  LEU D CD1 1 
ATOM   156 C CD2 . LEU A 1 29 ? -2.152  -7.371  7.979   1.00 46.03  ? 29  LEU D CD2 1 
ATOM   157 N N   . ALA A 1 30 ? 2.656   -8.649  6.100   1.00 32.85  ? 30  ALA D N   1 
ATOM   158 C CA  . ALA A 1 30 ? 4.074   -8.394  6.222   1.00 34.45  ? 30  ALA D CA  1 
ATOM   159 C C   . ALA A 1 30 ? 4.515   -7.371  5.162   1.00 35.76  ? 30  ALA D C   1 
ATOM   160 O O   . ALA A 1 30 ? 5.287   -6.490  5.442   1.00 33.28  ? 30  ALA D O   1 
ATOM   161 C CB  . ALA A 1 30 ? 4.843   -9.722  6.047   1.00 36.87  ? 30  ALA D CB  1 
ATOM   162 N N   . LEU A 1 31 ? 4.026   -7.526  3.940   1.00 32.26  ? 31  LEU D N   1 
ATOM   163 C CA  . LEU A 1 31 ? 4.449   -6.636  2.835   1.00 31.73  ? 31  LEU D CA  1 
ATOM   164 C C   . LEU A 1 31 ? 3.910   -5.202  3.050   1.00 31.87  ? 31  LEU D C   1 
ATOM   165 O O   . LEU A 1 31 ? 4.623   -4.216  2.877   1.00 31.75  ? 31  LEU D O   1 
ATOM   166 C CB  . LEU A 1 31 ? 4.000   -7.180  1.497   1.00 33.97  ? 31  LEU D CB  1 
ATOM   167 C CG  . LEU A 1 31 ? 4.681   -8.366  0.741   1.00 38.11  ? 31  LEU D CG  1 
ATOM   168 C CD1 . LEU A 1 31 ? 3.858   -8.903  -0.403  1.00 48.59  ? 31  LEU D CD1 1 
ATOM   169 C CD2 . LEU A 1 31 ? 5.972   -7.877  0.217   1.00 48.17  ? 31  LEU D CD2 1 
ATOM   170 N N   . VAL A 1 32 ? 2.638   -5.105  3.445   1.00 35.31  ? 32  VAL D N   1 
ATOM   171 C CA  . VAL A 1 32 ? 2.048   -3.821  3.767   1.00 33.43  ? 32  VAL D CA  1 
ATOM   172 C C   . VAL A 1 32 ? 2.789   -3.070  4.928   1.00 30.60  ? 32  VAL D C   1 
ATOM   173 O O   . VAL A 1 32 ? 3.029   -1.860  4.894   1.00 32.42  ? 32  VAL D O   1 
ATOM   174 C CB  . VAL A 1 32 ? 0.497   -3.975  3.991   1.00 35.30  ? 32  VAL D CB  1 
ATOM   175 C CG1 . VAL A 1 32 ? -0.094  -2.693  4.583   1.00 40.45  ? 32  VAL D CG1 1 
ATOM   176 C CG2 . VAL A 1 32 ? -0.113  -4.323  2.648   1.00 35.24  ? 32  VAL D CG2 1 
ATOM   177 N N   . LYS A 1 33 ? 3.122   -3.833  5.968   1.00 34.54  ? 33  LYS D N   1 
ATOM   178 C CA  . LYS A 1 33 ? 3.933   -3.283  7.053   1.00 34.45  ? 33  LYS D CA  1 
ATOM   179 C C   . LYS A 1 33 ? 5.239   -2.819  6.612   1.00 35.27  ? 33  LYS D C   1 
ATOM   180 O O   . LYS A 1 33 ? 5.618   -1.688  6.986   1.00 32.69  ? 33  LYS D O   1 
ATOM   181 C CB  . LYS A 1 33 ? 4.147   -4.328  8.163   1.00 42.35  ? 33  LYS D CB  1 
ATOM   182 C CG  . LYS A 1 33 ? 2.928   -4.555  9.053   1.00 47.85  ? 33  LYS D CG  1 
ATOM   183 C CD  . LYS A 1 33 ? 3.230   -5.651  10.114  1.00 56.75  ? 33  LYS D CD  1 
ATOM   184 C CE  . LYS A 1 33 ? 1.950   -6.320  10.637  1.00 66.21  ? 33  LYS D CE  1 
ATOM   185 N NZ  . LYS A 1 33 ? 2.180   -7.537  11.493  1.00 65.43  ? 33  LYS D NZ  1 
ATOM   186 N N   . ARG A 1 34 ? 5.937   -3.602  5.765   1.00 33.78  ? 34  ARG D N   1 
ATOM   187 C CA  . ARG A 1 34 ? 7.187   -3.132  5.248   1.00 31.84  ? 34  ARG D CA  1 
ATOM   188 C C   . ARG A 1 34 ? 7.010   -1.912  4.368   1.00 32.90  ? 34  ARG D C   1 
ATOM   189 O O   . ARG A 1 34 ? 7.822   -0.991  4.395   1.00 30.55  ? 34  ARG D O   1 
ATOM   190 C CB  . ARG A 1 34 ? 7.908   -4.258  4.478   1.00 32.36  ? 34  ARG D CB  1 
ATOM   191 C CG  . ARG A 1 34 ? 9.214   -3.831  3.879   1.00 34.92  ? 34  ARG D CG  1 
ATOM   192 C CD  . ARG A 1 34 ? 10.236  -3.380  4.927   1.00 37.16  ? 34  ARG D CD  1 
ATOM   193 N NE  . ARG A 1 34 ? 11.406  -2.819  4.263   1.00 36.69  ? 34  ARG D NE  1 
ATOM   194 C CZ  . ARG A 1 34 ? 12.324  -2.027  4.869   1.00 39.75  ? 34  ARG D CZ  1 
ATOM   195 N NH1 . ARG A 1 34 ? 13.332  -1.519  4.192   1.00 40.94  ? 34  ARG D NH1 1 
ATOM   196 N NH2 . ARG A 1 34 ? 12.269  -1.776  6.153   1.00 42.22  ? 34  ARG D NH2 1 
ATOM   197 N N   . ARG A 1 35 ? 6.013   -1.950  3.510   1.00 33.49  ? 35  ARG D N   1 
ATOM   198 C CA  . ARG A 1 35 ? 5.771   -0.804  2.637   1.00 31.82  ? 35  ARG D CA  1 
ATOM   199 C C   . ARG A 1 35 ? 5.525   0.499   3.480   1.00 29.80  ? 35  ARG D C   1 
ATOM   200 O O   . ARG A 1 35 ? 6.007   1.576   3.088   1.00 32.39  ? 35  ARG D O   1 
ATOM   201 C CB  . ARG A 1 35 ? 4.575   -1.093  1.712   1.00 33.15  ? 35  ARG D CB  1 
ATOM   202 C CG  . ARG A 1 35 ? 4.494   -0.088  0.518   1.00 32.93  ? 35  ARG D CG  1 
ATOM   203 C CD  . ARG A 1 35 ? 3.146   -0.254  -0.205  1.00 34.56  ? 35  ARG D CD  1 
ATOM   204 N NE  . ARG A 1 35 ? 3.090   0.402   -1.502  1.00 32.51  ? 35  ARG D NE  1 
ATOM   205 C CZ  . ARG A 1 35 ? 2.958   1.709   -1.670  1.00 35.57  ? 35  ARG D CZ  1 
ATOM   206 N NH1 . ARG A 1 35 ? 2.785   2.529   -0.638  1.00 38.97  ? 35  ARG D NH1 1 
ATOM   207 N NH2 . ARG A 1 35 ? 2.872   2.202   -2.903  1.00 37.22  ? 35  ARG D NH2 1 
ATOM   208 N N   . ALA A 1 36 ? 4.784   0.365   4.566   1.00 33.85  ? 36  ALA D N   1 
ATOM   209 C CA  . ALA A 1 36 ? 4.500   1.500   5.472   1.00 33.58  ? 36  ALA D CA  1 
ATOM   210 C C   . ALA A 1 36 ? 5.824   2.012   6.051   1.00 35.50  ? 36  ALA D C   1 
ATOM   211 O O   . ALA A 1 36 ? 6.102   3.221   6.020   1.00 35.61  ? 36  ALA D O   1 
ATOM   212 C CB  . ALA A 1 36 ? 3.531   1.093   6.551   1.00 38.15  ? 36  ALA D CB  1 
ATOM   213 N N   . GLU A 1 37 ? 6.729   1.108   6.437   1.00 34.90  ? 37  GLU D N   1 
ATOM   214 C CA  . GLU A 1 37 ? 8.059   1.554   6.898   1.00 33.98  ? 37  GLU D CA  1 
ATOM   215 C C   . GLU A 1 37 ? 8.863   2.285   5.901   1.00 33.01  ? 37  GLU D C   1 
ATOM   216 O O   . GLU A 1 37 ? 9.428   3.327   6.204   1.00 38.48  ? 37  GLU D O   1 
ATOM   217 C CB  . GLU A 1 37 ? 8.948   0.382   7.419   1.00 38.16  ? 37  GLU D CB  1 
ATOM   218 C CG  . GLU A 1 37 ? 8.397   -0.378  8.559   1.00 44.00  ? 37  GLU D CG  1 
ATOM   219 C CD  . GLU A 1 37 ? 9.124   -1.746  8.800   1.00 56.02  ? 37  GLU D CD  1 
ATOM   220 O OE1 . GLU A 1 37 ? 10.261  -1.972  8.294   1.00 59.98  ? 37  GLU D OE1 1 
ATOM   221 O OE2 . GLU A 1 37 ? 8.511   -2.641  9.449   1.00 64.81  ? 37  GLU D OE2 1 
ATOM   222 N N   . VAL A 1 38 ? 8.917   1.780   4.670   1.00 32.58  ? 38  VAL D N   1 
ATOM   223 C CA  . VAL A 1 38 ? 9.634   2.433   3.582   1.00 32.16  ? 38  VAL D CA  1 
ATOM   224 C C   . VAL A 1 38 ? 9.002   3.796   3.228   1.00 32.89  ? 38  VAL D C   1 
ATOM   225 O O   . VAL A 1 38 ? 9.751   4.825   3.079   1.00 32.80  ? 38  VAL D O   1 
ATOM   226 C CB  . VAL A 1 38 ? 9.706   1.502   2.358   1.00 34.34  ? 38  VAL D CB  1 
ATOM   227 C CG1 . VAL A 1 38 ? 10.388  2.163   1.162   1.00 33.40  ? 38  VAL D CG1 1 
ATOM   228 C CG2 . VAL A 1 38 ? 10.485  0.209   2.731   1.00 36.69  ? 38  VAL D CG2 1 
ATOM   229 N N   . SER A 1 39 ? 7.685   3.782   3.075   1.00 34.57  ? 39  SER D N   1 
ATOM   230 C CA  A SER A 1 39 ? 6.928   5.030   2.799   0.50 33.31  ? 39  SER D CA  1 
ATOM   231 C CA  B SER A 1 39 ? 6.961   5.039   2.760   0.50 35.39  ? 39  SER D CA  1 
ATOM   232 C C   . SER A 1 39 ? 7.173   6.121   3.822   1.00 33.80  ? 39  SER D C   1 
ATOM   233 O O   . SER A 1 39 ? 7.329   7.270   3.477   1.00 33.98  ? 39  SER D O   1 
ATOM   234 C CB  A SER A 1 39 ? 5.422   4.757   2.734   0.50 31.40  ? 39  SER D CB  1 
ATOM   235 C CB  B SER A 1 39 ? 5.448   4.843   2.400   0.50 36.00  ? 39  SER D CB  1 
ATOM   236 O OG  A SER A 1 39 ? 5.118   3.885   1.652   0.50 27.46  ? 39  SER D OG  1 
ATOM   237 O OG  B SER A 1 39 ? 4.713   3.944   3.224   0.50 33.92  ? 39  SER D OG  1 
ATOM   238 N N   . GLN A 1 40 ? 7.203   5.722   5.085   1.00 36.57  ? 40  GLN D N   1 
ATOM   239 C CA  . GLN A 1 40 ? 7.460   6.652   6.216   1.00 38.79  ? 40  GLN D CA  1 
ATOM   240 C C   . GLN A 1 40 ? 8.871   7.176   6.194   1.00 46.20  ? 40  GLN D C   1 
ATOM   241 O O   . GLN A 1 40 ? 9.108   8.377   6.417   1.00 41.89  ? 40  GLN D O   1 
ATOM   242 C CB  . GLN A 1 40 ? 7.132   5.952   7.534   1.00 40.43  ? 40  GLN D CB  1 
ATOM   243 C CG  . GLN A 1 40 ? 5.646   5.872   7.768   1.00 41.12  ? 40  GLN D CG  1 
ATOM   244 C CD  . GLN A 1 40 ? 5.230   4.884   8.844   1.00 52.34  ? 40  GLN D CD  1 
ATOM   245 O OE1 . GLN A 1 40 ? 6.015   4.513   9.701   1.00 56.64  ? 40  GLN D OE1 1 
ATOM   246 N NE2 . GLN A 1 40 ? 3.989   4.397   8.750   1.00 55.13  ? 40  GLN D NE2 1 
ATOM   247 N N   . ALA A 1 41 ? 9.831   6.323   5.800   1.00 43.13  ? 41  ALA D N   1 
ATOM   248 C CA  . ALA A 1 41 ? 11.184  6.790   5.590   1.00 40.17  ? 41  ALA D CA  1 
ATOM   249 C C   . ALA A 1 41 ? 11.257  7.750   4.457   1.00 40.01  ? 41  ALA D C   1 
ATOM   250 O O   . ALA A 1 41 ? 12.000  8.731   4.547   1.00 42.48  ? 41  ALA D O   1 
ATOM   251 C CB  . ALA A 1 41 ? 12.197  5.629   5.377   1.00 40.72  ? 41  ALA D CB  1 
ATOM   252 N N   . ILE A 1 42 ? 10.546  7.510   3.362   1.00 37.13  ? 42  ILE D N   1 
ATOM   253 C CA  . ILE A 1 42 ? 10.552  8.465   2.277   1.00 37.39  ? 42  ILE D CA  1 
ATOM   254 C C   . ILE A 1 42 ? 9.932   9.859   2.793   1.00 40.34  ? 42  ILE D C   1 
ATOM   255 O O   . ILE A 1 42 ? 10.442  10.962  2.436   1.00 43.22  ? 42  ILE D O   1 
ATOM   256 C CB  . ILE A 1 42 ? 9.804   7.948   1.064   1.00 37.35  ? 42  ILE D CB  1 
ATOM   257 C CG1 . ILE A 1 42 ? 10.556  6.806   0.327   1.00 35.52  ? 42  ILE D CG1 1 
ATOM   258 C CG2 . ILE A 1 42 ? 9.504   9.064   0.069   1.00 40.06  ? 42  ILE D CG2 1 
ATOM   259 C CD1 . ILE A 1 42 ? 9.678   6.102   -0.659  1.00 33.12  ? 42  ILE D CD1 1 
ATOM   260 N N   . GLY A 1 43 ? 8.878   9.756   3.590   1.00 40.76  ? 43  GLY D N   1 
ATOM   261 C CA  . GLY A 1 43 ? 8.146   10.912  4.150   1.00 45.89  ? 43  GLY D CA  1 
ATOM   262 C C   . GLY A 1 43 ? 9.073   11.741  5.025   1.00 51.77  ? 43  GLY D C   1 
ATOM   263 O O   . GLY A 1 43 ? 9.137   12.985  4.855   1.00 50.31  ? 43  GLY D O   1 
ATOM   264 N N   . LYS A 1 44 ? 9.789   11.060  5.936   1.00 51.60  ? 44  LYS D N   1 
ATOM   265 C CA  . LYS A 1 44 ? 10.857  11.669  6.755   1.00 54.11  ? 44  LYS D CA  1 
ATOM   266 C C   . LYS A 1 44 ? 11.939  12.320  5.926   1.00 51.35  ? 44  LYS D C   1 
ATOM   267 O O   . LYS A 1 44 ? 12.277  13.476  6.203   1.00 57.15  ? 44  LYS D O   1 
ATOM   268 C CB  . LYS A 1 44 ? 11.475  10.710  7.789   1.00 58.15  ? 44  LYS D CB  1 
ATOM   269 C CG  . LYS A 1 44 ? 10.558  10.368  8.939   1.00 66.44  ? 44  LYS D CG  1 
ATOM   270 C CD  . LYS A 1 44 ? 11.351  9.803   10.105  1.00 80.37  ? 44  LYS D CD  1 
ATOM   271 C CE  . LYS A 1 44 ? 10.473  9.166   11.175  1.00 86.33  ? 44  LYS D CE  1 
ATOM   272 N NZ  . LYS A 1 44 ? 10.221  7.726   10.876  1.00 87.39  ? 44  LYS D NZ  1 
ATOM   273 N N   . ALA A 1 45 ? 12.491  11.675  4.900   1.00 49.37  ? 45  ALA D N   1 
ATOM   274 C CA  . ALA A 1 45 ? 13.423  12.409  3.997   1.00 47.62  ? 45  ALA D CA  1 
ATOM   275 C C   . ALA A 1 45 ? 12.814  13.653  3.299   1.00 55.93  ? 45  ALA D C   1 
ATOM   276 O O   . ALA A 1 45 ? 13.497  14.655  3.038   1.00 55.40  ? 45  ALA D O   1 
ATOM   277 C CB  . ALA A 1 45 ? 14.009  11.506  2.943   1.00 48.70  ? 45  ALA D CB  1 
ATOM   278 N N   . ARG A 1 46 ? 11.554  13.555  2.896   1.00 52.90  ? 46  ARG D N   1 
ATOM   279 C CA  . ARG A 1 46 ? 10.902  14.700  2.228   1.00 60.88  ? 46  ARG D CA  1 
ATOM   280 C C   . ARG A 1 46 ? 10.649  15.865  3.188   1.00 59.97  ? 46  ARG D C   1 
ATOM   281 O O   . ARG A 1 46 ? 10.867  17.013  2.829   1.00 64.17  ? 46  ARG D O   1 
ATOM   282 C CB  . ARG A 1 46 ? 9.602   14.289  1.558   1.00 55.43  ? 46  ARG D CB  1 
ATOM   283 C CG  . ARG A 1 46 ? 9.863   13.752  0.200   1.00 61.24  ? 46  ARG D CG  1 
ATOM   284 C CD  . ARG A 1 46 ? 8.582   13.486  -0.546  1.00 63.75  ? 46  ARG D CD  1 
ATOM   285 N NE  . ARG A 1 46 ? 8.958   12.670  -1.670  1.00 69.08  ? 46  ARG D NE  1 
ATOM   286 C CZ  . ARG A 1 46 ? 9.624   13.090  -2.738  1.00 70.27  ? 46  ARG D CZ  1 
ATOM   287 N NH1 . ARG A 1 46 ? 9.948   14.372  -2.910  1.00 81.65  ? 46  ARG D NH1 1 
ATOM   288 N NH2 . ARG A 1 46 ? 9.939   12.210  -3.667  1.00 74.66  ? 46  ARG D NH2 1 
ATOM   289 N N   . MET A 1 47 ? 10.172  15.532  4.380   1.00 61.50  ? 47  MET D N   1 
ATOM   290 C CA  . MET A 1 47 ? 9.995   16.456  5.495   1.00 65.66  ? 47  MET D CA  1 
ATOM   291 C C   . MET A 1 47 ? 11.305  17.142  5.829   1.00 77.73  ? 47  MET D C   1 
ATOM   292 O O   . MET A 1 47 ? 11.398  18.367  5.724   1.00 92.54  ? 47  MET D O   1 
ATOM   293 C CB  . MET A 1 47 ? 9.455   15.702  6.702   1.00 65.46  ? 47  MET D CB  1 
ATOM   294 C CG  . MET A 1 47 ? 9.139   16.489  7.940   1.00 68.39  ? 47  MET D CG  1 
ATOM   295 S SD  . MET A 1 47 ? 8.657   15.362  9.261   1.00 95.20  ? 47  MET D SD  1 
ATOM   296 C CE  . MET A 1 47 ? 7.250   14.416  8.632   1.00 76.64  ? 47  MET D CE  1 
ATOM   297 N N   . ALA A 1 48 ? 12.317  16.357  6.188   1.00 75.70  ? 48  ALA D N   1 
ATOM   298 C CA  . ALA A 1 48 ? 13.659  16.883  6.461   1.00 75.24  ? 48  ALA D CA  1 
ATOM   299 C C   . ALA A 1 48 ? 14.122  17.856  5.368   1.00 71.93  ? 48  ALA D C   1 
ATOM   300 O O   . ALA A 1 48 ? 14.673  18.889  5.683   1.00 95.08  ? 48  ALA D O   1 
ATOM   301 C CB  . ALA A 1 48 ? 14.661  15.750  6.629   1.00 76.43  ? 48  ALA D CB  1 
ATOM   302 N N   . SER A 1 49 ? 13.855  17.570  4.099   1.00 65.60  ? 49  SER D N   1 
ATOM   303 C CA  . SER A 1 49 ? 14.296  18.455  3.017   1.00 71.07  ? 49  SER D CA  1 
ATOM   304 C C   . SER A 1 49 ? 13.405  19.715  2.761   1.00 76.95  ? 49  SER D C   1 
ATOM   305 O O   . SER A 1 49 ? 13.687  20.474  1.812   1.00 66.64  ? 49  SER D O   1 
ATOM   306 C CB  . SER A 1 49 ? 14.417  17.663  1.706   1.00 70.87  ? 49  SER D CB  1 
ATOM   307 O OG  . SER A 1 49 ? 13.165  17.533  1.016   1.00 78.92  ? 49  SER D OG  1 
ATOM   308 N N   . GLY A 1 50 ? 12.322  19.916  3.535   1.00 74.45  ? 50  GLY D N   1 
ATOM   309 C CA  . GLY A 1 50 ? 11.277  20.900  3.173   1.00 71.04  ? 50  GLY D CA  1 
ATOM   310 C C   . GLY A 1 50 ? 10.714  20.548  1.793   1.00 76.61  ? 50  GLY D C   1 
ATOM   311 O O   . GLY A 1 50 ? 10.989  19.461  1.272   1.00 87.27  ? 50  GLY D O   1 
ATOM   312 N N   . GLY A 1 51 ? 9.957   21.445  1.165   1.00 62.38  ? 51  GLY D N   1 
ATOM   313 C CA  . GLY A 1 51 ? 9.422   21.132  -0.177  1.00 62.83  ? 51  GLY D CA  1 
ATOM   314 C C   . GLY A 1 51 ? 8.248   20.145  -0.113  1.00 48.58  ? 51  GLY D C   1 
ATOM   315 O O   . GLY A 1 51 ? 7.847   19.736  0.983   1.00 57.77  ? 51  GLY D O   1 
ATOM   316 N N   . PRO A 1 52 ? 7.706   19.776  -1.273  1.00 49.50  ? 52  PRO D N   1 
ATOM   317 C CA  . PRO A 1 52 ? 6.478   18.977  -1.312  1.00 43.34  ? 52  PRO D CA  1 
ATOM   318 C C   . PRO A 1 52 ? 6.588   17.707  -0.467  1.00 51.36  ? 52  PRO D C   1 
ATOM   319 O O   . PRO A 1 52 ? 7.654   17.042  -0.460  1.00 46.10  ? 52  PRO D O   1 
ATOM   320 C CB  . PRO A 1 52 ? 6.293   18.699  -2.806  1.00 49.94  ? 52  PRO D CB  1 
ATOM   321 C CG  . PRO A 1 52 ? 6.931   19.859  -3.492  1.00 50.63  ? 52  PRO D CG  1 
ATOM   322 C CD  . PRO A 1 52 ? 8.116   20.205  -2.638  1.00 49.52  ? 52  PRO D CD  1 
ATOM   323 N N   . ARG A 1 53 ? 5.533   17.412  0.292   1.00 41.73  ? 53  ARG D N   1 
ATOM   324 C CA  A ARG A 1 53 ? 5.514   16.211  1.127   0.80 43.48  ? 53  ARG D CA  1 
ATOM   325 C CA  B ARG A 1 53 ? 5.480   16.194  1.123   0.20 42.23  ? 53  ARG D CA  1 
ATOM   326 C C   . ARG A 1 53 ? 5.259   14.943  0.297   1.00 47.01  ? 53  ARG D C   1 
ATOM   327 O O   . ARG A 1 53 ? 5.519   13.796  0.779   1.00 47.03  ? 53  ARG D O   1 
ATOM   328 C CB  A ARG A 1 53 ? 4.518   16.363  2.275   0.80 42.01  ? 53  ARG D CB  1 
ATOM   329 C CB  B ARG A 1 53 ? 4.369   16.268  2.162   0.20 39.54  ? 53  ARG D CB  1 
ATOM   330 C CG  A ARG A 1 53 ? 4.830   17.493  3.264   0.80 49.11  ? 53  ARG D CG  1 
ATOM   331 C CG  B ARG A 1 53 ? 4.571   17.356  3.183   0.20 38.22  ? 53  ARG D CG  1 
ATOM   332 C CD  A ARG A 1 53 ? 6.138   17.249  4.000   0.80 53.52  ? 53  ARG D CD  1 
ATOM   333 C CD  B ARG A 1 53 ? 6.038   17.484  3.511   0.20 37.75  ? 53  ARG D CD  1 
ATOM   334 N NE  A ARG A 1 53 ? 6.309   17.960  5.274   0.80 52.22  ? 53  ARG D NE  1 
ATOM   335 N NE  B ARG A 1 53 ? 6.270   18.419  4.591   0.20 33.45  ? 53  ARG D NE  1 
ATOM   336 C CZ  A ARG A 1 53 ? 7.196   18.937  5.517   0.80 55.14  ? 53  ARG D CZ  1 
ATOM   337 C CZ  B ARG A 1 53 ? 6.298   18.068  5.868   0.20 32.23  ? 53  ARG D CZ  1 
ATOM   338 N NH1 A ARG A 1 53 ? 7.976   19.478  4.560   0.80 56.40  ? 53  ARG D NH1 1 
ATOM   339 N NH1 B ARG A 1 53 ? 6.075   16.809  6.217   0.20 31.35  ? 53  ARG D NH1 1 
ATOM   340 N NH2 A ARG A 1 53 ? 7.285   19.416  6.748   0.80 57.20  ? 53  ARG D NH2 1 
ATOM   341 N NH2 B ARG A 1 53 ? 6.542   18.974  6.788   0.20 33.95  ? 53  ARG D NH2 1 
ATOM   342 N N   . LEU A 1 54 ? 4.762   15.134  -0.941  1.00 38.98  ? 54  LEU D N   1 
ATOM   343 C CA  . LEU A 1 54 ? 4.563   14.042  -1.846  1.00 36.44  ? 54  LEU D CA  1 
ATOM   344 C C   . LEU A 1 54 ? 5.130   14.434  -3.156  1.00 41.90  ? 54  LEU D C   1 
ATOM   345 O O   . LEU A 1 54 ? 5.150   15.613  -3.479  1.00 40.01  ? 54  LEU D O   1 
ATOM   346 C CB  . LEU A 1 54 ? 3.113   13.625  -2.061  1.00 38.40  ? 54  LEU D CB  1 
ATOM   347 C CG  . LEU A 1 54 ? 2.302   13.095  -0.910  1.00 41.31  ? 54  LEU D CG  1 
ATOM   348 C CD1 . LEU A 1 54 ? 0.896   12.819  -1.424  1.00 41.37  ? 54  LEU D CD1 1 
ATOM   349 C CD2 . LEU A 1 54 ? 2.888   11.828  -0.352  1.00 40.37  ? 54  LEU D CD2 1 
ATOM   350 N N   . ASP A 1 55 ? 5.658   13.447  -3.863  1.00 41.33  ? 55  ASP D N   1 
ATOM   351 C CA  . ASP A 1 55 ? 5.823   13.489  -5.322  1.00 42.12  ? 55  ASP D CA  1 
ATOM   352 C C   . ASP A 1 55 ? 4.539   13.105  -6.016  1.00 38.45  ? 55  ASP D C   1 
ATOM   353 O O   . ASP A 1 55 ? 4.199   11.963  -6.204  1.00 35.37  ? 55  ASP D O   1 
ATOM   354 C CB  . ASP A 1 55 ? 7.008   12.647  -5.745  1.00 46.22  ? 55  ASP D CB  1 
ATOM   355 C CG  . ASP A 1 55 ? 7.340   12.757  -7.250  1.00 51.63  ? 55  ASP D CG  1 
ATOM   356 O OD1 . ASP A 1 55 ? 6.464   13.025  -8.080  1.00 44.44  ? 55  ASP D OD1 1 
ATOM   357 O OD2 . ASP A 1 55 ? 8.499   12.460  -7.611  1.00 50.88  ? 55  ASP D OD2 1 
ATOM   358 N N   . HIS A 1 56 ? 3.774   14.123  -6.453  1.00 35.85  ? 56  HIS D N   1 
ATOM   359 C CA  . HIS A 1 56 ? 2.459   13.852  -6.912  1.00 33.51  ? 56  HIS D CA  1 
ATOM   360 C C   . HIS A 1 56 ? 2.454   13.007  -8.197  1.00 31.11  ? 56  HIS D C   1 
ATOM   361 O O   . HIS A 1 56 ? 1.539   12.156  -8.383  1.00 36.26  ? 56  HIS D O   1 
ATOM   362 C CB  . HIS A 1 56 ? 1.651   15.185  -7.056  1.00 37.79  ? 56  HIS D CB  1 
ATOM   363 C CG  . HIS A 1 56 ? 1.359   15.807  -5.728  1.00 33.82  ? 56  HIS D CG  1 
ATOM   364 N ND1 . HIS A 1 56 ? 0.346   15.342  -4.937  1.00 36.98  ? 56  HIS D ND1 1 
ATOM   365 C CD2 . HIS A 1 56 ? 2.027   16.717  -4.987  1.00 35.97  ? 56  HIS D CD2 1 
ATOM   366 C CE1 . HIS A 1 56 ? 0.369   15.965  -3.770  1.00 37.90  ? 56  HIS D CE1 1 
ATOM   367 N NE2 . HIS A 1 56 ? 1.391   16.789  -3.768  1.00 33.42  ? 56  HIS D NE2 1 
ATOM   368 N N   . SER A 1 57 ? 3.382   13.303  -9.101  1.00 36.51  ? 57  SER D N   1 
ATOM   369 C CA  . SER A 1 57 ? 3.420   12.526  -10.382 1.00 40.34  ? 57  SER D CA  1 
ATOM   370 C C   . SER A 1 57 ? 3.680   11.021  -10.043 1.00 37.03  ? 57  SER D C   1 
ATOM   371 O O   . SER A 1 57 ? 2.984   10.180  -10.481 1.00 37.51  ? 57  SER D O   1 
ATOM   372 C CB  . SER A 1 57 ? 4.572   13.078  -11.242 1.00 46.72  ? 57  SER D CB  1 
ATOM   373 O OG  . SER A 1 57 ? 4.683   12.266  -12.397 1.00 60.26  ? 57  SER D OG  1 
ATOM   374 N N   . ARG A 1 58 ? 4.679   10.775  -9.219  1.00 37.50  ? 58  ARG D N   1 
ATOM   375 C CA  . ARG A 1 58 ? 5.017   9.409   -8.693  1.00 40.80  ? 58  ARG D CA  1 
ATOM   376 C C   . ARG A 1 58 ? 3.797   8.720   -8.042  1.00 38.33  ? 58  ARG D C   1 
ATOM   377 O O   . ARG A 1 58 ? 3.426   7.583   -8.372  1.00 36.50  ? 58  ARG D O   1 
ATOM   378 C CB  . ARG A 1 58 ? 6.198   9.606   -7.754  1.00 42.52  ? 58  ARG D CB  1 
ATOM   379 C CG  . ARG A 1 58 ? 6.606   8.483   -6.820  1.00 50.85  ? 58  ARG D CG  1 
ATOM   380 C CD  . ARG A 1 58 ? 7.167   7.318   -7.524  1.00 46.55  ? 58  ARG D CD  1 
ATOM   381 N NE  . ARG A 1 58 ? 7.557   6.262   -6.541  1.00 49.87  ? 58  ARG D NE  1 
ATOM   382 C CZ  . ARG A 1 58 ? 7.836   4.985   -6.897  1.00 47.45  ? 58  ARG D CZ  1 
ATOM   383 N NH1 . ARG A 1 58 ? 7.848   4.609   -8.173  1.00 48.12  ? 58  ARG D NH1 1 
ATOM   384 N NH2 . ARG A 1 58 ? 8.092   4.073   -5.961  1.00 45.47  ? 58  ARG D NH2 1 
ATOM   385 N N   . GLU A 1 59 ? 3.102   9.448   -7.147  1.00 35.36  ? 59  GLU D N   1 
ATOM   386 C CA  . GLU A 1 59 ? 1.968   8.846   -6.446  1.00 36.30  ? 59  GLU D CA  1 
ATOM   387 C C   . GLU A 1 59 ? 0.860   8.529   -7.362  1.00 35.41  ? 59  GLU D C   1 
ATOM   388 O O   . GLU A 1 59 ? 0.179   7.496   -7.215  1.00 33.07  ? 59  GLU D O   1 
ATOM   389 C CB  . GLU A 1 59 ? 1.524   9.694   -5.172  1.00 31.60  ? 59  GLU D CB  1 
ATOM   390 C CG  . GLU A 1 59 ? 2.633   9.876   -4.151  1.00 33.54  ? 59  GLU D CG  1 
ATOM   391 C CD  . GLU A 1 59 ? 3.141   8.588   -3.449  1.00 37.95  ? 59  GLU D CD  1 
ATOM   392 O OE1 . GLU A 1 59 ? 2.485   7.540   -3.536  1.00 34.15  ? 59  GLU D OE1 1 
ATOM   393 O OE2 . GLU A 1 59 ? 4.176   8.727   -2.785  1.00 36.71  ? 59  GLU D OE2 1 
ATOM   394 N N   . MET A 1 60 ? 0.612   9.409   -8.343  1.00 36.87  ? 60  MET D N   1 
ATOM   395 C CA  . MET A 1 60 ? -0.415  9.144   -9.361  1.00 40.84  ? 60  MET D CA  1 
ATOM   396 C C   . MET A 1 60 ? -0.104  7.931   -10.238 1.00 38.21  ? 60  MET D C   1 
ATOM   397 O O   . MET A 1 60 ? -1.001  7.155   -10.571 1.00 40.17  ? 60  MET D O   1 
ATOM   398 C CB  . MET A 1 60 ? -0.625  10.401  -10.278 1.00 46.14  ? 60  MET D CB  1 
ATOM   399 C CG  . MET A 1 60 ? -1.412  11.499  -9.563  1.00 59.08  ? 60  MET D CG  1 
ATOM   400 S SD  . MET A 1 60 ? -1.421  13.111  -10.422 1.00 69.71  ? 60  MET D SD  1 
ATOM   401 C CE  . MET A 1 60 ? -2.383  12.605  -11.847 1.00 66.61  ? 60  MET D CE  1 
ATOM   402 N N   . LYS A 1 61 ? 1.164   7.753   -10.540 1.00 41.75  ? 61  LYS D N   1 
ATOM   403 C CA  . LYS A 1 61 ? 1.601   6.584   -11.343 1.00 42.57  ? 61  LYS D CA  1 
ATOM   404 C C   . LYS A 1 61 ? 1.376   5.304   -10.569 1.00 44.47  ? 61  LYS D C   1 
ATOM   405 O O   . LYS A 1 61 ? 0.905   4.319   -11.110 1.00 37.28  ? 61  LYS D O   1 
ATOM   406 C CB  . LYS A 1 61 ? 3.069   6.716   -11.680 1.00 49.59  ? 61  LYS D CB  1 
ATOM   407 C CG  . LYS A 1 61 ? 3.281   7.220   -13.107 1.00 66.47  ? 61  LYS D CG  1 
ATOM   408 C CD  . LYS A 1 61 ? 4.491   8.129   -13.207 1.00 73.61  ? 61  LYS D CD  1 
ATOM   409 C CE  . LYS A 1 61 ? 4.515   8.912   -14.509 1.00 80.08  ? 61  LYS D CE  1 
ATOM   410 N NZ  . LYS A 1 61 ? 5.709   9.799   -14.499 1.00 89.28  ? 61  LYS D NZ  1 
ATOM   411 N N   . ILE A 1 62 ? 1.582   5.355   -9.245  1.00 37.44  ? 62  ILE D N   1 
ATOM   412 C CA  . ILE A 1 62 ? 1.319   4.151   -8.389  1.00 33.54  ? 62  ILE D CA  1 
ATOM   413 C C   . ILE A 1 62 ? -0.138  3.858   -8.426  1.00 35.75  ? 62  ILE D C   1 
ATOM   414 O O   . ILE A 1 62 ? -0.574  2.676   -8.530  1.00 36.92  ? 62  ILE D O   1 
ATOM   415 C CB  . ILE A 1 62 ? 1.904   4.334   -6.958  1.00 35.73  ? 62  ILE D CB  1 
ATOM   416 C CG1 . ILE A 1 62 ? 3.409   4.456   -7.009  1.00 36.83  ? 62  ILE D CG1 1 
ATOM   417 C CG2 . ILE A 1 62 ? 1.394   3.222   -6.032  1.00 35.78  ? 62  ILE D CG2 1 
ATOM   418 C CD1 . ILE A 1 62 ? 4.095   4.914   -5.745  1.00 39.90  ? 62  ILE D CD1 1 
ATOM   419 N N   . ILE A 1 63 ? -0.971  4.886   -8.270  1.00 36.36  ? 63  ILE D N   1 
ATOM   420 C CA  . ILE A 1 63 ? -2.376  4.656   -8.273  1.00 33.29  ? 63  ILE D CA  1 
ATOM   421 C C   . ILE A 1 63 ? -2.900  4.015   -9.590  1.00 40.03  ? 63  ILE D C   1 
ATOM   422 O O   . ILE A 1 63 ? -3.797  3.138   -9.575  1.00 38.16  ? 63  ILE D O   1 
ATOM   423 C CB  . ILE A 1 63 ? -3.148  5.982   -7.966  1.00 36.09  ? 63  ILE D CB  1 
ATOM   424 C CG1 . ILE A 1 63 ? -2.940  6.420   -6.481  1.00 39.71  ? 63  ILE D CG1 1 
ATOM   425 C CG2 . ILE A 1 63 ? -4.647  5.842   -8.233  1.00 44.02  ? 63  ILE D CG2 1 
ATOM   426 C CD1 . ILE A 1 63 ? -3.317  7.883   -6.255  1.00 41.93  ? 63  ILE D CD1 1 
ATOM   427 N N   . GLU A 1 64 ? -2.333  4.484   -10.692 1.00 40.84  ? 64  GLU D N   1 
ATOM   428 C CA  . GLU A 1 64 ? -2.673  3.969   -12.031 1.00 48.77  ? 64  GLU D CA  1 
ATOM   429 C C   . GLU A 1 64 ? -2.217  2.522   -12.185 1.00 45.75  ? 64  GLU D C   1 
ATOM   430 O O   . GLU A 1 64 ? -2.936  1.743   -12.739 1.00 47.16  ? 64  GLU D O   1 
ATOM   431 C CB  . GLU A 1 64 ? -2.039  4.838   -13.109 1.00 51.17  ? 64  GLU D CB  1 
ATOM   432 C CG  . GLU A 1 64 ? -2.672  6.233   -13.187 1.00 63.56  ? 64  GLU D CG  1 
ATOM   433 C CD  . GLU A 1 64 ? -1.868  7.224   -14.057 1.00 80.98  ? 64  GLU D CD  1 
ATOM   434 O OE1 . GLU A 1 64 ? -0.657  7.411   -13.826 1.00 80.60  ? 64  GLU D OE1 1 
ATOM   435 O OE2 . GLU A 1 64 ? -2.450  7.850   -14.978 1.00 89.60  ? 64  GLU D OE2 1 
ATOM   436 N N   . ARG A 1 65 ? -1.047  2.160   -11.637 1.00 45.57  ? 65  ARG D N   1 
ATOM   437 C CA  . ARG A 1 65 ? -0.590  0.729   -11.663 1.00 47.08  ? 65  ARG D CA  1 
ATOM   438 C C   . ARG A 1 65 ? -1.612  -0.150  -10.962 1.00 47.85  ? 65  ARG D C   1 
ATOM   439 O O   . ARG A 1 65 ? -2.000  -1.183  -11.519 1.00 49.84  ? 65  ARG D O   1 
ATOM   440 C CB  . ARG A 1 65 ? 0.814   0.567   -11.040 1.00 49.37  ? 65  ARG D CB  1 
ATOM   441 C CG  . ARG A 1 65 ? 1.391   -0.859  -10.936 1.00 51.35  ? 65  ARG D CG  1 
ATOM   442 C CD  . ARG A 1 65 ? 2.755   -0.903  -10.178 1.00 62.46  ? 65  ARG D CD  1 
ATOM   443 N NE  . ARG A 1 65 ? 3.545   -2.135  -10.478 1.00 67.09  ? 65  ARG D NE  1 
ATOM   444 C CZ  . ARG A 1 65 ? 4.792   -2.417  -10.049 1.00 66.37  ? 65  ARG D CZ  1 
ATOM   445 N NH1 . ARG A 1 65 ? 5.475   -1.593  -9.250  1.00 48.91  ? 65  ARG D NH1 1 
ATOM   446 N NH2 . ARG A 1 65 ? 5.382   -3.544  -10.437 1.00 63.40  ? 65  ARG D NH2 1 
ATOM   447 N N   . TYR A 1 66 ? -2.063  0.254   -9.761  1.00 40.40  ? 66  TYR D N   1 
ATOM   448 C CA  . TYR A 1 66 ? -3.039  -0.505  -8.985  1.00 37.98  ? 66  TYR D CA  1 
ATOM   449 C C   . TYR A 1 66 ? -4.437  -0.622  -9.671  1.00 41.85  ? 66  TYR D C   1 
ATOM   450 O O   . TYR A 1 66 ? -5.164  -1.547  -9.411  1.00 40.30  ? 66  TYR D O   1 
ATOM   451 C CB  . TYR A 1 66 ? -3.175  0.045   -7.551  1.00 39.63  ? 66  TYR D CB  1 
ATOM   452 C CG  . TYR A 1 66 ? -2.143  -0.541  -6.565  1.00 34.86  ? 66  TYR D CG  1 
ATOM   453 C CD1 . TYR A 1 66 ? -0.844  -0.060  -6.469  1.00 37.55  ? 66  TYR D CD1 1 
ATOM   454 C CD2 . TYR A 1 66 ? -2.459  -1.620  -5.789  1.00 37.26  ? 66  TYR D CD2 1 
ATOM   455 C CE1 . TYR A 1 66 ? 0.076   -0.575  -5.582  1.00 34.13  ? 66  TYR D CE1 1 
ATOM   456 C CE2 . TYR A 1 66 ? -1.528  -2.189  -4.933  1.00 35.71  ? 66  TYR D CE2 1 
ATOM   457 C CZ  . TYR A 1 66 ? -0.257  -1.661  -4.820  1.00 32.83  ? 66  TYR D CZ  1 
ATOM   458 O OH  . TYR A 1 66 ? 0.644   -2.257  -3.950  1.00 34.99  ? 66  TYR D OH  1 
ATOM   459 N N   . SER A 1 67 ? -4.803  0.339   -10.494 1.00 48.39  ? 67  SER D N   1 
ATOM   460 C CA  A SER A 1 67 ? -6.036  0.255   -11.325 0.70 56.08  ? 67  SER D CA  1 
ATOM   461 C CA  B SER A 1 67 ? -6.035  0.251   -11.312 0.30 53.40  ? 67  SER D CA  1 
ATOM   462 C C   . SER A 1 67 ? -6.100  -0.944  -12.271 1.00 54.38  ? 67  SER D C   1 
ATOM   463 O O   . SER A 1 67 ? -7.164  -1.292  -12.714 1.00 63.37  ? 67  SER D O   1 
ATOM   464 C CB  A SER A 1 67 ? -6.197  1.479   -12.204 0.70 58.40  ? 67  SER D CB  1 
ATOM   465 C CB  B SER A 1 67 ? -6.244  1.528   -12.118 0.30 54.03  ? 67  SER D CB  1 
ATOM   466 O OG  A SER A 1 67 ? -5.332  1.355   -13.321 0.70 58.43  ? 67  SER D OG  1 
ATOM   467 O OG  B SER A 1 67 ? -5.997  2.653   -11.309 0.30 53.38  ? 67  SER D OG  1 
ATOM   468 N N   . GLU A 1 68 ? -4.968  -1.574  -12.572 1.00 59.22  ? 68  GLU D N   1 
ATOM   469 C CA  A GLU A 1 68 ? -4.936  -2.891  -13.233 0.50 62.85  ? 68  GLU D CA  1 
ATOM   470 C CA  B GLU A 1 68 ? -4.973  -2.869  -13.256 0.50 62.06  ? 68  GLU D CA  1 
ATOM   471 C C   . GLU A 1 68 ? -5.855  -3.895  -12.547 1.00 69.87  ? 68  GLU D C   1 
ATOM   472 O O   . GLU A 1 68 ? -6.246  -4.867  -13.169 1.00 73.21  ? 68  GLU D O   1 
ATOM   473 C CB  A GLU A 1 68 ? -3.507  -3.488  -13.292 0.50 66.60  ? 68  GLU D CB  1 
ATOM   474 C CB  B GLU A 1 68 ? -3.541  -3.412  -13.527 0.50 65.06  ? 68  GLU D CB  1 
ATOM   475 C CG  A GLU A 1 68 ? -2.729  -3.327  -14.613 0.50 66.43  ? 68  GLU D CG  1 
ATOM   476 C CG  B GLU A 1 68 ? -2.858  -4.271  -12.458 0.50 60.44  ? 68  GLU D CG  1 
ATOM   477 C CD  A GLU A 1 68 ? -2.632  -1.899  -15.130 0.50 62.72  ? 68  GLU D CD  1 
ATOM   478 C CD  B GLU A 1 68 ? -1.344  -4.413  -12.694 0.50 63.78  ? 68  GLU D CD  1 
ATOM   479 O OE1 A GLU A 1 68 ? -1.496  -1.455  -15.418 0.50 53.49  ? 68  GLU D OE1 1 
ATOM   480 O OE1 B GLU A 1 68 ? -0.678  -3.411  -13.075 0.50 55.28  ? 68  GLU D OE1 1 
ATOM   481 O OE2 A GLU A 1 68 ? -3.685  -1.237  -15.258 0.50 61.01  ? 68  GLU D OE2 1 
ATOM   482 O OE2 B GLU A 1 68 ? -0.806  -5.529  -12.476 0.50 61.22  ? 68  GLU D OE2 1 
ATOM   483 N N   . LEU A 1 69 ? -6.188  -3.674  -11.262 1.00 57.29  ? 69  LEU D N   1 
ATOM   484 C CA  . LEU A 1 69 ? -7.063  -4.573  -10.553 1.00 58.59  ? 69  LEU D CA  1 
ATOM   485 C C   . LEU A 1 69 ? -8.541  -4.274  -10.717 1.00 66.14  ? 69  LEU D C   1 
ATOM   486 O O   . LEU A 1 69 ? -9.354  -5.042  -10.192 1.00 69.52  ? 69  LEU D O   1 
ATOM   487 C CB  . LEU A 1 69 ? -6.783  -4.542  -9.061  1.00 56.29  ? 69  LEU D CB  1 
ATOM   488 C CG  . LEU A 1 69 ? -5.460  -5.072  -8.563  1.00 59.91  ? 69  LEU D CG  1 
ATOM   489 C CD1 . LEU A 1 69 ? -5.320  -4.728  -7.083  1.00 57.53  ? 69  LEU D CD1 1 
ATOM   490 C CD2 . LEU A 1 69 ? -5.340  -6.556  -8.768  1.00 65.11  ? 69  LEU D CD2 1 
ATOM   491 N N   . GLY A 1 70 ? -8.894  -3.160  -11.366 1.00 63.43  ? 70  GLY D N   1 
ATOM   492 C CA  . GLY A 1 70 ? -10.235 -2.580  -11.242 1.00 63.92  ? 70  GLY D CA  1 
ATOM   493 C C   . GLY A 1 70 ? -10.319 -1.298  -10.403 1.00 71.58  ? 70  GLY D C   1 
ATOM   494 O O   . GLY A 1 70 ? -9.292  -0.697  -10.036 1.00 77.78  ? 70  GLY D O   1 
ATOM   495 N N   . PRO A 1 71 ? -11.550 -0.851  -10.094 1.00 74.93  ? 71  PRO D N   1 
ATOM   496 C CA  . PRO A 1 71 ? -11.741 0.356   -9.279  1.00 68.93  ? 71  PRO D CA  1 
ATOM   497 C C   . PRO A 1 71 ? -11.410 0.134   -7.809  1.00 63.52  ? 71  PRO D C   1 
ATOM   498 O O   . PRO A 1 71 ? -10.956 1.047   -7.064  1.00 56.41  ? 71  PRO D O   1 
ATOM   499 C CB  . PRO A 1 71 ? -13.236 0.661   -9.461  1.00 82.20  ? 71  PRO D CB  1 
ATOM   500 C CG  . PRO A 1 71 ? -13.861 -0.686  -9.697  1.00 86.07  ? 71  PRO D CG  1 
ATOM   501 C CD  . PRO A 1 71 ? -12.835 -1.471  -10.477 1.00 81.23  ? 71  PRO D CD  1 
ATOM   502 N N   . VAL A 1 72 ? -11.607 -1.080  -7.360  1.00 54.16  ? 72  VAL D N   1 
ATOM   503 C CA  . VAL A 1 72 ? -11.186 -1.401  -6.043  1.00 52.70  ? 72  VAL D CA  1 
ATOM   504 C C   . VAL A 1 72 ? -9.612  -1.194  -5.960  1.00 45.92  ? 72  VAL D C   1 
ATOM   505 O O   . VAL A 1 72 ? -9.118  -0.916  -4.905  1.00 44.78  ? 72  VAL D O   1 
ATOM   506 C CB  . VAL A 1 72 ? -11.674 -2.807  -5.653  1.00 52.61  ? 72  VAL D CB  1 
ATOM   507 C CG1 . VAL A 1 72 ? -11.034 -3.270  -4.372  1.00 64.26  ? 72  VAL D CG1 1 
ATOM   508 C CG2 . VAL A 1 72 ? -13.182 -2.794  -5.453  1.00 60.92  ? 72  VAL D CG2 1 
ATOM   509 N N   . GLY A 1 73 ? -8.899  -1.374  -7.058  1.00 47.60  ? 73  GLY D N   1 
ATOM   510 C CA  . GLY A 1 73 ? -7.480  -1.238  -7.149  1.00 46.86  ? 73  GLY D CA  1 
ATOM   511 C C   . GLY A 1 73 ? -7.031  0.159   -6.844  1.00 54.12  ? 73  GLY D C   1 
ATOM   512 O O   . GLY A 1 73 ? -6.108  0.372   -6.077  1.00 41.37  ? 73  GLY D O   1 
ATOM   513 N N   . LYS A 1 74 ? -7.707  1.144   -7.409  1.00 47.78  ? 74  LYS D N   1 
ATOM   514 C CA  . LYS A 1 74 ? -7.449  2.517   -7.006  1.00 44.82  ? 74  LYS D CA  1 
ATOM   515 C C   . LYS A 1 74 ? -7.657  2.794   -5.532  1.00 39.85  ? 74  LYS D C   1 
ATOM   516 O O   . LYS A 1 74 ? -6.809  3.479   -4.932  1.00 41.56  ? 74  LYS D O   1 
ATOM   517 C CB  . LYS A 1 74 ? -8.218  3.562   -7.883  1.00 52.95  ? 74  LYS D CB  1 
ATOM   518 C CG  . LYS A 1 74 ? -7.658  3.676   -9.295  1.00 66.24  ? 74  LYS D CG  1 
ATOM   519 C CD  . LYS A 1 74 ? -8.198  4.913   -10.059 1.00 74.82  ? 74  LYS D CD  1 
ATOM   520 C CE  . LYS A 1 74 ? -7.431  5.193   -11.363 1.00 76.44  ? 74  LYS D CE  1 
ATOM   521 N NZ  . LYS A 1 74 ? -7.103  6.627   -11.626 1.00 82.15  ? 74  LYS D NZ  1 
ATOM   522 N N   . ASP A 1 75 ? -8.739  2.305   -4.927  1.00 36.01  ? 75  ASP D N   1 
ATOM   523 C CA  . ASP A 1 75 ? -8.933  2.490   -3.546  1.00 37.97  ? 75  ASP D CA  1 
ATOM   524 C C   . ASP A 1 75 ? -7.806  1.833   -2.679  1.00 37.29  ? 75  ASP D C   1 
ATOM   525 O O   . ASP A 1 75 ? -7.476  2.308   -1.586  1.00 36.10  ? 75  ASP D O   1 
ATOM   526 C CB  . ASP A 1 75 ? -10.249 1.896   -3.145  1.00 41.62  ? 75  ASP D CB  1 
ATOM   527 C CG  . ASP A 1 75 ? -11.459 2.715   -3.654  1.00 57.18  ? 75  ASP D CG  1 
ATOM   528 O OD1 . ASP A 1 75 ? -11.261 3.808   -4.231  1.00 54.97  ? 75  ASP D OD1 1 
ATOM   529 O OD2 . ASP A 1 75 ? -12.594 2.215   -3.467  1.00 59.36  ? 75  ASP D OD2 1 
ATOM   530 N N   . LEU A 1 76 ? -7.375  0.661   -3.098  1.00 37.47  ? 76  LEU D N   1 
ATOM   531 C CA  . LEU A 1 76 ? -6.237  -0.017  -2.426  1.00 35.19  ? 76  LEU D CA  1 
ATOM   532 C C   . LEU A 1 76 ? -5.021  0.862   -2.386  1.00 33.92  ? 76  LEU D C   1 
ATOM   533 O O   . LEU A 1 76 ? -4.445  1.080   -1.301  1.00 32.65  ? 76  LEU D O   1 
ATOM   534 C CB  . LEU A 1 76 ? -5.958  -1.370  -3.137  1.00 37.33  ? 76  LEU D CB  1 
ATOM   535 C CG  . LEU A 1 76 ? -4.741  -2.186  -2.592  1.00 39.11  ? 76  LEU D CG  1 
ATOM   536 C CD1 . LEU A 1 76 ? -4.762  -2.273  -1.116  1.00 39.39  ? 76  LEU D CD1 1 
ATOM   537 C CD2 . LEU A 1 76 ? -4.698  -3.572  -3.235  1.00 43.00  ? 76  LEU D CD2 1 
ATOM   538 N N   . ALA A 1 77 ? -4.645  1.452   -3.532  1.00 32.98  ? 77  ALA D N   1 
ATOM   539 C CA  . ALA A 1 77 ? -3.486  2.313   -3.590  1.00 36.26  ? 77  ALA D CA  1 
ATOM   540 C C   . ALA A 1 77 ? -3.665  3.526   -2.672  1.00 33.66  ? 77  ALA D C   1 
ATOM   541 O O   . ALA A 1 77 ? -2.749  4.009   -2.012  1.00 35.39  ? 77  ALA D O   1 
ATOM   542 C CB  . ALA A 1 77 ? -3.214  2.763   -5.031  1.00 38.49  ? 77  ALA D CB  1 
ATOM   543 N N   . ILE A 1 78 ? -4.866  4.061   -2.677  1.00 37.61  ? 78  ILE D N   1 
ATOM   544 C CA  . ILE A 1 78 ? -5.218  5.107   -1.776  1.00 35.23  ? 78  ILE D CA  1 
ATOM   545 C C   . ILE A 1 78 ? -5.026  4.791   -0.310  1.00 36.52  ? 78  ILE D C   1 
ATOM   546 O O   . ILE A 1 78 ? -4.470  5.618   0.420   1.00 34.50  ? 78  ILE D O   1 
ATOM   547 C CB  . ILE A 1 78 ? -6.586  5.689   -2.077  1.00 41.45  ? 78  ILE D CB  1 
ATOM   548 C CG1 . ILE A 1 78 ? -6.514  6.369   -3.459  1.00 44.55  ? 78  ILE D CG1 1 
ATOM   549 C CG2 . ILE A 1 78 ? -6.927  6.730   -1.016  1.00 41.18  ? 78  ILE D CG2 1 
ATOM   550 C CD1 . ILE A 1 78 ? -7.902  6.698   -4.044  1.00 57.15  ? 78  ILE D CD1 1 
ATOM   551 N N   A LEU A 1 79 ? -5.466  3.611   0.129   0.50 34.56  ? 79  LEU D N   1 
ATOM   552 N N   B LEU A 1 79 ? -5.471  3.608   0.102   0.50 35.97  ? 79  LEU D N   1 
ATOM   553 C CA  A LEU A 1 79 ? -5.224  3.165   1.480   0.50 33.86  ? 79  LEU D CA  1 
ATOM   554 C CA  B LEU A 1 79 ? -5.275  3.114   1.434   0.50 35.70  ? 79  LEU D CA  1 
ATOM   555 C C   A LEU A 1 79 ? -3.739  3.016   1.746   0.50 33.54  ? 79  LEU D C   1 
ATOM   556 C C   B LEU A 1 79 ? -3.786  2.936   1.758   0.50 34.54  ? 79  LEU D C   1 
ATOM   557 O O   A LEU A 1 79 ? -3.238  3.449   2.793   0.50 33.66  ? 79  LEU D O   1 
ATOM   558 O O   B LEU A 1 79 ? -3.340  3.262   2.863   0.50 34.82  ? 79  LEU D O   1 
ATOM   559 C CB  A LEU A 1 79 ? -5.895  1.828   1.720   0.50 35.02  ? 79  LEU D CB  1 
ATOM   560 C CB  B LEU A 1 79 ? -6.006  1.785   1.565   0.50 38.71  ? 79  LEU D CB  1 
ATOM   561 C CG  A LEU A 1 79 ? -7.404  1.925   1.640   0.50 38.31  ? 79  LEU D CG  1 
ATOM   562 C CG  B LEU A 1 79 ? -6.182  1.251   2.973   0.50 43.13  ? 79  LEU D CG  1 
ATOM   563 C CD1 A LEU A 1 79 ? -7.993  0.536   1.745   0.50 38.72  ? 79  LEU D CD1 1 
ATOM   564 C CD1 B LEU A 1 79 ? -7.492  0.522   3.107   0.50 44.43  ? 79  LEU D CD1 1 
ATOM   565 C CD2 A LEU A 1 79 ? -7.900  2.855   2.734   0.50 38.12  ? 79  LEU D CD2 1 
ATOM   566 C CD2 B LEU A 1 79 ? -5.039  0.318   3.329   0.50 48.97  ? 79  LEU D CD2 1 
ATOM   567 N N   . LEU A 1 80 ? -3.013  2.412   0.803   1.00 32.69  ? 80  LEU D N   1 
ATOM   568 C CA  . LEU A 1 80 ? -1.554  2.240   1.012   1.00 31.72  ? 80  LEU D CA  1 
ATOM   569 C C   . LEU A 1 80 ? -0.858  3.602   1.156   1.00 35.55  ? 80  LEU D C   1 
ATOM   570 O O   . LEU A 1 80 ? 0.057   3.783   1.954   1.00 33.17  ? 80  LEU D O   1 
ATOM   571 C CB  . LEU A 1 80 ? -0.915  1.380   -0.116  1.00 34.39  ? 80  LEU D CB  1 
ATOM   572 C CG  . LEU A 1 80 ? -1.384  -0.066  -0.269  1.00 38.61  ? 80  LEU D CG  1 
ATOM   573 C CD1 . LEU A 1 80 ? -0.772  -0.690  -1.475  1.00 39.59  ? 80  LEU D CD1 1 
ATOM   574 C CD2 . LEU A 1 80 ? -1.068  -0.827  0.982   1.00 39.63  ? 80  LEU D CD2 1 
ATOM   575 N N   . LEU A 1 81 ? -1.307  4.582   0.397   1.00 35.62  ? 81  LEU D N   1 
ATOM   576 C CA  . LEU A 1 81 ? -0.823  5.928   0.516   1.00 35.33  ? 81  LEU D CA  1 
ATOM   577 C C   . LEU A 1 81 ? -1.053  6.454   1.949   1.00 34.99  ? 81  LEU D C   1 
ATOM   578 O O   . LEU A 1 81 ? -0.120  7.035   2.551   1.00 38.05  ? 81  LEU D O   1 
ATOM   579 C CB  . LEU A 1 81 ? -1.521  6.838   -0.508  1.00 38.27  ? 81  LEU D CB  1 
ATOM   580 C CG  . LEU A 1 81 ? -1.135  8.292   -0.667  1.00 40.37  ? 81  LEU D CG  1 
ATOM   581 C CD1 . LEU A 1 81 ? 0.351   8.488   -0.923  1.00 39.73  ? 81  LEU D CD1 1 
ATOM   582 C CD2 . LEU A 1 81 ? -1.983  8.896   -1.802  1.00 42.43  ? 81  LEU D CD2 1 
ATOM   583 N N   . ARG A 1 82 ? -2.243  6.276   2.503   1.00 34.69  ? 82  ARG D N   1 
ATOM   584 C CA  . ARG A 1 82 ? -2.501  6.676   3.910   1.00 37.19  ? 82  ARG D CA  1 
ATOM   585 C C   . ARG A 1 82 ? -1.649  5.932   4.943   1.00 42.53  ? 82  ARG D C   1 
ATOM   586 O O   . ARG A 1 82 ? -1.287  6.489   5.982   1.00 39.70  ? 82  ARG D O   1 
ATOM   587 C CB  . ARG A 1 82 ? -3.939  6.445   4.326   1.00 43.57  ? 82  ARG D CB  1 
ATOM   588 C CG  . ARG A 1 82 ? -4.943  7.145   3.464   1.00 48.64  ? 82  ARG D CG  1 
ATOM   589 C CD  . ARG A 1 82 ? -6.320  7.236   4.119   1.00 61.10  ? 82  ARG D CD  1 
ATOM   590 N NE  . ARG A 1 82 ? -7.198  7.958   3.172   1.00 70.32  ? 82  ARG D NE  1 
ATOM   591 C CZ  . ARG A 1 82 ? -8.230  7.442   2.491   1.00 81.35  ? 82  ARG D CZ  1 
ATOM   592 N NH1 . ARG A 1 82 ? -8.586  6.155   2.619   1.00 83.54  ? 82  ARG D NH1 1 
ATOM   593 N NH2 . ARG A 1 82 ? -8.932  8.236   1.668   1.00 74.64  ? 82  ARG D NH2 1 
ATOM   594 N N   . LEU A 1 83 ? -1.341  4.663   4.676   1.00 39.17  ? 83  LEU D N   1 
ATOM   595 C CA  . LEU A 1 83 ? -0.429  3.922   5.563   1.00 45.09  ? 83  LEU D CA  1 
ATOM   596 C C   . LEU A 1 83 ? 0.924   4.510   5.586   1.00 41.73  ? 83  LEU D C   1 
ATOM   597 O O   . LEU A 1 83 ? 1.657   4.251   6.497   1.00 48.93  ? 83  LEU D O   1 
ATOM   598 C CB  . LEU A 1 83 ? -0.303  2.443   5.188   1.00 47.70  ? 83  LEU D CB  1 
ATOM   599 C CG  . LEU A 1 83 ? -1.542  1.729   5.624   1.00 49.63  ? 83  LEU D CG  1 
ATOM   600 C CD1 . LEU A 1 83 ? -1.745  0.425   4.861   1.00 57.85  ? 83  LEU D CD1 1 
ATOM   601 C CD2 . LEU A 1 83 ? -1.429  1.472   7.136   1.00 53.69  ? 83  LEU D CD2 1 
ATOM   602 N N   . GLY A 1 84 ? 1.302   5.329   4.617   1.00 40.96  ? 84  GLY D N   1 
ATOM   603 C CA  . GLY A 1 84 ? 2.612   5.964   4.655   1.00 36.92  ? 84  GLY D CA  1 
ATOM   604 C C   . GLY A 1 84 ? 2.750   7.214   5.483   1.00 43.68  ? 84  GLY D C   1 
ATOM   605 O O   . GLY A 1 84 ? 3.792   7.855   5.490   1.00 43.37  ? 84  GLY D O   1 
ATOM   606 N N   . ARG A 1 85 ? 1.698   7.559   6.214   1.00 38.66  ? 85  ARG D N   1 
ATOM   607 C CA  . ARG A 1 85 ? 1.745   8.748   7.002   1.00 43.46  ? 85  ARG D CA  1 
ATOM   608 C C   . ARG A 1 85 ? 2.563   8.496   8.271   1.00 47.09  ? 85  ARG D C   1 
ATOM   609 O O   . ARG A 1 85 ? 2.595   7.360   8.732   1.00 43.53  ? 85  ARG D O   1 
ATOM   610 C CB  . ARG A 1 85 ? 0.343   9.097   7.423   1.00 37.94  ? 85  ARG D CB  1 
ATOM   611 C CG  . ARG A 1 85 ? -0.509  9.633   6.284   1.00 36.92  ? 85  ARG D CG  1 
ATOM   612 C CD  . ARG A 1 85 ? -1.919  9.926   6.797   1.00 40.24  ? 85  ARG D CD  1 
ATOM   613 N NE  . ARG A 1 85 ? -2.769  10.264  5.667   1.00 39.14  ? 85  ARG D NE  1 
ATOM   614 C CZ  . ARG A 1 85 ? -4.038  10.656  5.757   1.00 42.35  ? 85  ARG D CZ  1 
ATOM   615 N NH1 . ARG A 1 85 ? -4.595  10.912  6.931   1.00 39.63  ? 85  ARG D NH1 1 
ATOM   616 N NH2 . ARG A 1 85 ? -4.707  10.865  4.654   1.00 39.23  ? 85  ARG D NH2 1 
ATOM   617 N N   . GLY A 1 86 ? 3.160   9.532   8.855   1.00 57.67  ? 86  GLY D N   1 
ATOM   618 C CA  . GLY A 1 86 ? 3.740   9.360   10.219  1.00 70.81  ? 86  GLY D CA  1 
ATOM   619 C C   . GLY A 1 86 ? 2.644   8.968   11.210  1.00 78.89  ? 86  GLY D C   1 
ATOM   620 O O   . GLY A 1 86 ? 1.517   9.442   11.072  1.00 71.29  ? 86  GLY D O   1 
ATOM   621 N N   . PRO A 1 87 ? 2.930   8.073   12.200  1.00 106.87 ? 87  PRO D N   1 
ATOM   622 C CA  . PRO A 1 87 ? 1.849   7.780   13.203  1.00 109.70 ? 87  PRO D CA  1 
ATOM   623 C C   . PRO A 1 87 ? 1.188   9.053   13.853  1.00 111.22 ? 87  PRO D C   1 
ATOM   624 O O   . PRO A 1 87 ? 1.870   9.841   14.520  1.00 97.32  ? 87  PRO D O   1 
ATOM   625 C CB  . PRO A 1 87 ? 2.559   6.880   14.232  1.00 107.73 ? 87  PRO D CB  1 
ATOM   626 C CG  . PRO A 1 87 ? 3.672   6.226   13.464  1.00 104.76 ? 87  PRO D CG  1 
ATOM   627 C CD  . PRO A 1 87 ? 4.106   7.192   12.379  1.00 100.97 ? 87  PRO D CD  1 
ATOM   628 N N   . ASP A 1 88 ? -0.111  9.265   13.579  1.00 116.14 ? 88  ASP D N   1 
ATOM   629 C CA  . ASP A 1 88 ? -0.866  10.475  14.013  1.00 112.56 ? 88  ASP D CA  1 
ATOM   630 C C   . ASP A 1 88 ? -2.289  10.131  14.456  1.00 116.29 ? 88  ASP D C   1 
ATOM   631 O O   . ASP A 1 88 ? -2.795  10.692  15.424  1.00 120.82 ? 88  ASP D O   1 
ATOM   632 C CB  . ASP A 1 88 ? -0.886  11.603  12.932  1.00 100.83 ? 88  ASP D CB  1 
ATOM   633 C CG  . ASP A 1 88 ? -1.369  11.134  11.527  1.00 95.20  ? 88  ASP D CG  1 
ATOM   634 O OD1 . ASP A 1 88 ? -2.335  10.346  11.416  1.00 94.25  ? 88  ASP D OD1 1 
ATOM   635 O OD2 . ASP A 1 88 ? -0.790  11.596  10.499  1.00 79.81  ? 88  ASP D OD2 1 
HETATM 636 O O   . HOH B 2 .  ? -10.696 -26.253 -0.319  1.00 51.53  ? 101 HOH D O   1 
HETATM 637 O O   . HOH B 2 .  ? 5.531   -12.649 0.196   1.00 46.05  ? 102 HOH D O   1 
HETATM 638 O O   . HOH B 2 .  ? 6.947   21.060  2.955   1.00 69.72  ? 103 HOH D O   1 
HETATM 639 O O   . HOH B 2 .  ? 8.406   -4.825  8.221   1.00 65.35  ? 104 HOH D O   1 
HETATM 640 O O   . HOH B 2 .  ? 5.762   10.780  -2.629  1.00 39.75  ? 105 HOH D O   1 
HETATM 641 O O   . HOH B 2 .  ? 4.276   10.224  13.537  1.00 82.23  ? 106 HOH D O   1 
HETATM 642 O O   . HOH B 2 .  ? -3.029  12.136  9.164   1.00 64.89  ? 107 HOH D O   1 
HETATM 643 O O   . HOH B 2 .  ? 3.454   -9.223  9.854   1.00 61.91  ? 108 HOH D O   1 
HETATM 644 O O   . HOH B 2 .  ? 2.423   -11.548 8.688   1.00 48.32  ? 109 HOH D O   1 
HETATM 645 O O   . HOH B 2 .  ? 4.969   12.852  3.226   1.00 58.10  ? 110 HOH D O   1 
HETATM 646 O O   . HOH B 2 .  ? 1.948   -3.823  -12.693 1.00 71.32  ? 111 HOH D O   1 
HETATM 647 O O   . HOH B 2 .  ? 5.281   9.974   6.206   1.00 61.26  ? 112 HOH D O   1 
HETATM 648 O O   . HOH B 2 .  ? 11.419  6.255   8.961   1.00 78.38  ? 113 HOH D O   1 
HETATM 649 O O   . HOH B 2 .  ? -5.404  -25.444 8.005   1.00 49.62  ? 114 HOH D O   1 
HETATM 650 O O   . HOH B 2 .  ? 2.737   -18.432 2.025   1.00 53.89  ? 115 HOH D O   1 
HETATM 651 O O   . HOH B 2 .  ? -6.505  -14.694 7.168   1.00 37.08  ? 116 HOH D O   1 
HETATM 652 O O   . HOH B 2 .  ? 7.487   5.760   -3.879  1.00 48.66  ? 117 HOH D O   1 
HETATM 653 O O   . HOH B 2 .  ? 7.067   -6.887  7.490   1.00 43.13  ? 118 HOH D O   1 
HETATM 654 O O   . HOH B 2 .  ? 4.911   -0.713  9.457   1.00 52.57  ? 119 HOH D O   1 
HETATM 655 O O   . HOH B 2 .  ? 2.532   2.547   2.284   1.00 34.55  ? 120 HOH D O   1 
HETATM 656 O O   . HOH B 2 .  ? 0.008   6.667   -4.378  1.00 38.02  ? 121 HOH D O   1 
HETATM 657 O O   . HOH B 2 .  ? 14.333  8.664   6.034   1.00 58.25  ? 122 HOH D O   1 
HETATM 658 O O   . HOH B 2 .  ? -9.436  3.864   -0.403  1.00 60.58  ? 123 HOH D O   1 
HETATM 659 O O   . HOH B 2 .  ? 10.405  4.077   8.687   1.00 55.80  ? 124 HOH D O   1 
HETATM 660 O O   . HOH B 2 .  ? 2.339   -16.993 4.309   1.00 53.86  ? 125 HOH D O   1 
HETATM 661 O O   . HOH B 2 .  ? -11.356 -31.119 2.355   1.00 76.43  ? 126 HOH D O   1 
HETATM 662 O O   . HOH B 2 .  ? 15.593  -0.277  5.234   1.00 62.59  ? 127 HOH D O   1 
HETATM 663 O O   . HOH B 2 .  ? 1.755   -27.228 4.279   1.00 49.08  ? 128 HOH D O   1 
HETATM 664 O O   . HOH B 2 .  ? -0.151  4.205   -3.062  1.00 38.17  ? 129 HOH D O   1 
HETATM 665 O O   . HOH B 2 .  ? 8.442   9.805   -3.583  1.00 41.66  ? 130 HOH D O   1 
HETATM 666 O O   . HOH B 2 .  ? -2.609  10.357  -13.640 1.00 79.14  ? 131 HOH D O   1 
HETATM 667 O O   . HOH B 2 .  ? 0.419   5.694   9.583   1.00 88.24  ? 132 HOH D O   1 
HETATM 668 O O   . HOH B 2 .  ? 5.512   6.196   -2.530  1.00 46.40  ? 133 HOH D O   1 
HETATM 669 O O   . HOH B 2 .  ? 2.147   5.146   -1.974  1.00 51.55  ? 134 HOH D O   1 
HETATM 670 O O   . HOH B 2 .  ? 6.198   13.481  -14.535 1.00 72.43  ? 135 HOH D O   1 
HETATM 671 O O   . HOH B 2 .  ? 5.283   -11.362 2.570   1.00 48.96  ? 136 HOH D O   1 
HETATM 672 O O   . HOH B 2 .  ? 5.162   15.609  -9.170  1.00 53.28  ? 137 HOH D O   1 
HETATM 673 O O   . HOH B 2 .  ? 1.741   0.021   3.062   1.00 57.99  ? 138 HOH D O   1 
HETATM 674 O O   . HOH B 2 .  ? -13.934 -0.293  -2.734  1.00 60.54  ? 139 HOH D O   1 
HETATM 675 O O   . HOH B 2 .  ? 11.231  -4.746  8.087   1.00 69.77  ? 140 HOH D O   1 
HETATM 676 O O   . HOH B 2 .  ? -7.389  11.799  7.319   1.00 60.69  ? 141 HOH D O   1 
HETATM 677 O O   . HOH B 2 .  ? 5.596   8.992   1.799   1.00 43.78  ? 142 HOH D O   1 
HETATM 678 O O   . HOH B 2 .  ? -10.656 5.424   -1.813  1.00 67.36  ? 143 HOH D O   1 
HETATM 679 O O   . HOH B 2 .  ? 7.111   9.696   8.207   1.00 58.51  ? 144 HOH D O   1 
HETATM 680 O O   . HOH B 2 .  ? 2.661   12.067  7.344   1.00 57.82  ? 145 HOH D O   1 
HETATM 681 O O   . HOH B 2 .  ? -8.181  -21.843 7.718   1.00 70.77  ? 146 HOH D O   1 
HETATM 682 O O   . HOH B 2 .  ? 7.682   6.265   -10.679 1.00 60.02  ? 147 HOH D O   1 
HETATM 683 O O   . HOH B 2 .  ? -15.499 -25.582 6.870   1.00 79.87  ? 148 HOH D O   1 
HETATM 684 O O   . HOH B 2 .  ? -10.800 -28.864 1.064   1.00 58.72  ? 149 HOH D O   1 
HETATM 685 O O   . HOH B 2 .  ? 2.635   5.556   0.797   1.00 60.03  ? 150 HOH D O   1 
HETATM 686 O O   . HOH B 2 .  ? 6.446   10.878  0.209   1.00 49.36  ? 151 HOH D O   1 
HETATM 687 O O   . HOH B 2 .  ? 5.240   16.885  -6.381  1.00 50.68  ? 152 HOH D O   1 
HETATM 688 O O   . HOH B 2 .  ? 5.559   1.520   10.511  1.00 64.41  ? 153 HOH D O   1 
HETATM 689 O O   . HOH B 2 .  ? -2.300  6.029   8.985   1.00 58.82  ? 154 HOH D O   1 
HETATM 690 O O   . HOH B 2 .  ? 6.888   22.576  4.575   1.00 62.14  ? 155 HOH D O   1 
HETATM 691 O O   . HOH B 2 .  ? -7.812  -24.326 7.184   1.00 61.63  ? 156 HOH D O   1 
HETATM 692 O O   . HOH B 2 .  ? -13.922 -18.670 3.641   1.00 48.61  ? 157 HOH D O   1 
HETATM 693 O O   . HOH B 2 .  ? 5.364   6.448   -0.658  1.00 71.72  ? 158 HOH D O   1 
HETATM 694 O O   . HOH B 2 .  ? 7.600   10.669  -11.104 1.00 71.88  ? 159 HOH D O   1 
HETATM 695 O O   . HOH B 2 .  ? 11.524  1.028   9.577   1.00 80.92  ? 160 HOH D O   1 
HETATM 696 O O   . HOH B 2 .  ? 14.675  1.659   4.805   1.00 59.81  ? 161 HOH D O   1 
HETATM 697 O O   . HOH B 2 .  ? 4.658   -13.609 6.979   1.00 71.14  ? 162 HOH D O   1 
HETATM 698 O O   . HOH B 2 .  ? 9.036   24.009  3.413   1.00 76.54  ? 163 HOH D O   1 
HETATM 699 O O   . HOH B 2 .  ? 13.569  9.032   11.834  1.00 78.63  ? 164 HOH D O   1 
HETATM 700 O O   . HOH B 2 .  ? 13.357  2.001   6.204   1.00 60.93  ? 165 HOH D O   1 
HETATM 701 O O   . HOH B 2 .  ? -6.763  -8.631  -12.150 1.00 75.61  ? 166 HOH D O   1 
HETATM 702 O O   . HOH B 2 .  ? -8.261  -8.793  -9.592  1.00 76.37  ? 167 HOH D O   1 
HETATM 703 O O   . HOH B 2 .  ? 4.634   2.718   -10.554 1.00 63.82  ? 168 HOH D O   1 
HETATM 704 O O   . HOH B 2 .  ? 8.294   16.751  -6.013  1.00 72.88  ? 169 HOH D O   1 
HETATM 705 O O   . HOH B 2 .  ? 5.912   -8.355  9.601   1.00 72.24  ? 170 HOH D O   1 
HETATM 706 O O   . HOH B 2 .  ? 13.914  7.054   8.208   1.00 67.23  ? 171 HOH D O   1 
# 
